data_5Y9S
#
_entry.id   5Y9S
#
_cell.length_a   113.669
_cell.length_b   221.895
_cell.length_c   57.875
_cell.angle_alpha   90.00
_cell.angle_beta   90.00
_cell.angle_gamma   90.00
#
_symmetry.space_group_name_H-M   'P 21 21 2'
#
loop_
_entity.id
_entity.type
_entity.pdbx_description
1 polymer VV2_1132
2 non-polymer 'BROMIDE ION'
3 water water
#
_entity_poly.entity_id   1
_entity_poly.type   'polypeptide(L)'
_entity_poly.pdbx_seq_one_letter_code
;GAMAMNNPLEFKWLEDFLSLMELGNFSAAAKARFVTQSAFSRRIQALEVWIGVPLFDRTSYPITLTEHGQKFVPYAENLL
NQVKVTKEDFAQASLKTDHTVRIVCLHTLAVNLLPKLFLQSAEALSHLNLSVTPSVLGIDAHFQMLEDHSTDLLFTYNIS
AMRPSLSLEDKLEKCVIHSEKVVPVVAPRLLESLKADQTIPYLSYSEHTFLSKVVEPVLKTLPLTLKPVFETTLSESLVK
MAIGGAGVAWVPMHVIEEELAQHRLVIAFEEQKEWQIPIDILCYRSTTNHRAAVDQFWQEIDKS
;
_entity_poly.pdbx_strand_id   A,B,C,D
#
loop_
_chem_comp.id
_chem_comp.type
_chem_comp.name
_chem_comp.formula
BR non-polymer 'BROMIDE ION' 'Br -1'
#
# COMPACT_ATOMS: atom_id res chain seq x y z
N MET A 5 -8.12 6.82 7.82
CA MET A 5 -7.20 5.73 8.13
C MET A 5 -5.83 5.98 7.52
N ASN A 6 -5.02 6.70 8.28
CA ASN A 6 -3.83 7.35 7.76
C ASN A 6 -2.56 6.53 7.91
N ASN A 7 -2.28 6.02 9.13
CA ASN A 7 -0.93 5.63 9.53
C ASN A 7 -0.94 4.31 10.31
N PRO A 8 -1.27 3.21 9.66
CA PRO A 8 -1.42 1.95 10.38
C PRO A 8 -0.07 1.37 10.80
N LEU A 9 -0.07 0.72 11.95
CA LEU A 9 1.01 -0.21 12.26
C LEU A 9 0.99 -1.37 11.28
N GLU A 10 2.14 -1.73 10.75
CA GLU A 10 2.21 -2.85 9.83
C GLU A 10 2.93 -3.99 10.53
N PHE A 11 2.24 -5.13 10.61
CA PHE A 11 2.70 -6.31 11.31
C PHE A 11 4.14 -6.65 10.96
N LYS A 12 4.51 -6.53 9.68
CA LYS A 12 5.81 -7.03 9.24
C LYS A 12 6.97 -6.20 9.79
N TRP A 13 6.69 -4.96 10.21
CA TRP A 13 7.71 -4.14 10.84
C TRP A 13 8.19 -4.78 12.13
N LEU A 14 7.30 -5.49 12.82
CA LEU A 14 7.71 -6.12 14.07
C LEU A 14 8.79 -7.17 13.82
N GLU A 15 8.63 -7.96 12.76
CA GLU A 15 9.66 -8.92 12.43
C GLU A 15 10.90 -8.23 11.89
N ASP A 16 10.74 -7.11 11.16
CA ASP A 16 11.91 -6.35 10.72
C ASP A 16 12.71 -5.86 11.93
N PHE A 17 12.02 -5.35 12.95
CA PHE A 17 12.67 -4.89 14.17
C PHE A 17 13.48 -6.01 14.83
N LEU A 18 12.83 -7.14 15.15
CA LEU A 18 13.52 -8.23 15.83
C LEU A 18 14.70 -8.73 15.01
N SER A 19 14.58 -8.68 13.68
CA SER A 19 15.66 -9.21 12.85
C SER A 19 16.86 -8.25 12.83
N LEU A 20 16.62 -6.94 12.70
CA LEU A 20 17.73 -6.01 12.79
C LEU A 20 18.34 -6.02 14.18
N MET A 21 17.50 -6.19 15.20
CA MET A 21 17.98 -6.30 16.58
C MET A 21 19.02 -7.39 16.72
N GLU A 22 18.74 -8.57 16.21
CA GLU A 22 19.64 -9.67 16.51
C GLU A 22 20.83 -9.73 15.58
N LEU A 23 20.71 -9.20 14.36
CA LEU A 23 21.84 -9.26 13.45
C LEU A 23 22.68 -7.99 13.43
N GLY A 24 22.13 -6.85 13.86
CA GLY A 24 22.86 -5.59 13.91
C GLY A 24 23.53 -5.16 12.62
N ASN A 25 22.93 -5.48 11.49
CA ASN A 25 23.49 -5.14 10.18
C ASN A 25 22.33 -5.00 9.20
N PHE A 26 22.20 -3.84 8.54
CA PHE A 26 21.04 -3.65 7.67
C PHE A 26 21.00 -4.69 6.57
N SER A 27 22.14 -4.91 5.91
CA SER A 27 22.18 -5.82 4.78
C SER A 27 21.79 -7.25 5.18
N ALA A 28 22.27 -7.71 6.33
CA ALA A 28 21.95 -9.07 6.77
C ALA A 28 20.48 -9.18 7.19
N ALA A 29 19.99 -8.22 7.98
CA ALA A 29 18.57 -8.21 8.32
C ALA A 29 17.70 -8.24 7.07
N ALA A 30 18.04 -7.42 6.06
CA ALA A 30 17.29 -7.42 4.81
C ALA A 30 17.28 -8.79 4.16
N LYS A 31 18.45 -9.44 4.06
CA LYS A 31 18.47 -10.79 3.49
C LYS A 31 17.60 -11.73 4.30
N ALA A 32 17.64 -11.62 5.62
CA ALA A 32 16.81 -12.49 6.45
C ALA A 32 15.33 -12.21 6.24
N ARG A 33 14.98 -11.01 5.81
CA ARG A 33 13.58 -10.66 5.62
C ARG A 33 13.17 -10.76 4.15
N PHE A 34 14.04 -11.29 3.28
CA PHE A 34 13.72 -11.55 1.86
C PHE A 34 13.32 -10.30 1.13
N VAL A 35 13.79 -9.15 1.59
CA VAL A 35 13.56 -7.89 0.90
C VAL A 35 14.90 -7.29 0.49
N THR A 36 14.84 -6.34 -0.44
CA THR A 36 16.03 -5.63 -0.88
C THR A 36 16.57 -4.76 0.27
N GLN A 37 17.87 -4.46 0.17
CA GLN A 37 18.57 -3.67 1.18
C GLN A 37 17.88 -2.33 1.44
N SER A 38 17.53 -1.61 0.37
CA SER A 38 16.91 -0.29 0.61
C SER A 38 15.45 -0.42 1.00
N ALA A 39 14.77 -1.49 0.64
CA ALA A 39 13.41 -1.71 1.14
C ALA A 39 13.44 -1.93 2.65
N PHE A 40 14.42 -2.70 3.13
CA PHE A 40 14.48 -2.97 4.58
C PHE A 40 14.76 -1.69 5.35
N SER A 41 15.76 -0.93 4.91
CA SER A 41 16.07 0.35 5.56
C SER A 41 14.86 1.28 5.57
N ARG A 42 14.11 1.31 4.46
CA ARG A 42 12.90 2.13 4.42
C ARG A 42 11.84 1.61 5.37
N ARG A 43 11.71 0.29 5.49
CA ARG A 43 10.68 -0.22 6.40
C ARG A 43 11.05 0.09 7.86
N ILE A 44 12.34 -0.03 8.18
CA ILE A 44 12.77 0.30 9.55
C ILE A 44 12.46 1.75 9.87
N GLN A 45 12.76 2.65 8.94
CA GLN A 45 12.37 4.05 9.17
C GLN A 45 10.86 4.18 9.37
N ALA A 46 10.06 3.45 8.59
CA ALA A 46 8.61 3.61 8.77
C ALA A 46 8.22 3.23 10.19
N LEU A 47 8.87 2.20 10.77
CA LEU A 47 8.53 1.81 12.14
C LEU A 47 8.93 2.91 13.13
N GLU A 48 10.13 3.49 12.95
CA GLU A 48 10.59 4.56 13.85
C GLU A 48 9.72 5.81 13.72
N VAL A 49 9.38 6.22 12.49
CA VAL A 49 8.42 7.32 12.30
C VAL A 49 7.12 7.02 13.04
N TRP A 50 6.58 5.81 12.86
CA TRP A 50 5.28 5.47 13.47
C TRP A 50 5.34 5.56 14.99
N ILE A 51 6.38 4.96 15.58
CA ILE A 51 6.47 4.99 17.03
C ILE A 51 6.85 6.38 17.53
N GLY A 52 7.62 7.14 16.76
CA GLY A 52 7.90 8.50 17.12
C GLY A 52 9.31 8.77 17.61
N VAL A 53 10.13 7.75 17.81
CA VAL A 53 11.50 7.92 18.33
C VAL A 53 12.41 6.88 17.69
N PRO A 54 13.72 7.09 17.66
CA PRO A 54 14.61 6.10 17.05
C PRO A 54 14.73 4.87 17.95
N LEU A 55 14.62 3.70 17.35
CA LEU A 55 14.81 2.45 18.07
C LEU A 55 16.22 1.90 17.93
N PHE A 56 16.98 2.37 16.94
CA PHE A 56 18.32 1.86 16.68
C PHE A 56 19.34 2.99 16.76
N ASP A 57 20.48 2.71 17.38
CA ASP A 57 21.51 3.72 17.55
C ASP A 57 22.32 3.77 16.27
N ARG A 58 22.26 4.90 15.56
CA ARG A 58 22.85 4.96 14.22
C ARG A 58 24.35 5.22 14.25
N THR A 59 24.90 5.70 15.36
CA THR A 59 26.35 5.89 15.44
C THR A 59 27.11 4.60 15.74
N SER A 60 26.43 3.48 15.97
CA SER A 60 27.10 2.30 16.47
C SER A 60 27.35 1.27 15.37
N TYR A 61 28.46 0.54 15.50
CA TYR A 61 28.78 -0.56 14.60
C TYR A 61 29.22 -1.73 15.46
N PRO A 62 28.48 -2.85 15.46
CA PRO A 62 27.24 -3.14 14.75
C PRO A 62 26.11 -2.27 15.29
N ILE A 63 24.98 -2.18 14.61
CA ILE A 63 23.89 -1.37 15.14
C ILE A 63 23.35 -2.02 16.40
N THR A 64 23.06 -1.21 17.39
CA THR A 64 22.48 -1.64 18.65
C THR A 64 21.25 -0.77 18.94
N LEU A 65 20.51 -1.17 19.95
CA LEU A 65 19.26 -0.54 20.31
C LEU A 65 19.49 0.72 21.11
N THR A 66 18.67 1.73 20.85
CA THR A 66 18.53 2.81 21.79
C THR A 66 17.81 2.31 23.04
N GLU A 67 17.77 3.17 24.06
CA GLU A 67 16.93 2.91 25.22
C GLU A 67 15.46 2.75 24.83
N HIS A 68 15.01 3.54 23.86
CA HIS A 68 13.65 3.31 23.37
C HIS A 68 13.55 1.98 22.65
N GLY A 69 14.61 1.60 21.93
CA GLY A 69 14.60 0.31 21.24
C GLY A 69 14.53 -0.83 22.23
N GLN A 70 15.33 -0.76 23.30
CA GLN A 70 15.29 -1.77 24.36
C GLN A 70 13.89 -1.86 24.96
N LYS A 71 13.29 -0.71 25.27
CA LYS A 71 11.94 -0.68 25.83
C LYS A 71 10.93 -1.33 24.90
N PHE A 72 11.12 -1.16 23.59
CA PHE A 72 10.12 -1.57 22.62
C PHE A 72 10.08 -3.09 22.44
N VAL A 73 11.10 -3.79 22.91
CA VAL A 73 11.21 -5.21 22.61
C VAL A 73 10.03 -6.03 23.12
N PRO A 74 9.65 -6.00 24.41
CA PRO A 74 8.42 -6.71 24.81
C PRO A 74 7.17 -6.30 24.03
N TYR A 75 7.01 -5.01 23.66
CA TYR A 75 5.81 -4.62 22.90
C TYR A 75 5.73 -5.38 21.59
N ALA A 76 6.84 -5.52 20.90
CA ALA A 76 6.82 -6.20 19.63
C ALA A 76 6.58 -7.69 19.80
N GLU A 77 7.30 -8.33 20.73
CA GLU A 77 7.12 -9.77 20.98
C GLU A 77 5.67 -10.09 21.31
N ASN A 78 5.08 -9.30 22.21
CA ASN A 78 3.73 -9.61 22.68
C ASN A 78 2.70 -9.43 21.58
N LEU A 79 2.88 -8.40 20.75
CA LEU A 79 2.03 -8.28 19.57
C LEU A 79 2.13 -9.52 18.69
N LEU A 80 3.35 -9.85 18.24
CA LEU A 80 3.53 -11.02 17.39
C LEU A 80 2.97 -12.27 18.03
N ASN A 81 3.22 -12.45 19.33
CA ASN A 81 2.71 -13.62 20.03
C ASN A 81 1.18 -13.67 19.97
N GLN A 82 0.52 -12.53 20.19
CA GLN A 82 -0.93 -12.47 20.18
C GLN A 82 -1.50 -12.79 18.80
N VAL A 83 -0.91 -12.21 17.76
CA VAL A 83 -1.35 -12.57 16.40
C VAL A 83 -1.26 -14.07 16.19
N LYS A 84 -0.16 -14.69 16.67
CA LYS A 84 0.01 -16.13 16.46
C LYS A 84 -1.05 -16.92 17.23
N VAL A 85 -1.34 -16.52 18.48
CA VAL A 85 -2.34 -17.21 19.28
C VAL A 85 -3.71 -17.10 18.61
N THR A 86 -4.02 -15.92 18.09
CA THR A 86 -5.27 -15.72 17.38
C THR A 86 -5.42 -16.74 16.25
N LYS A 87 -4.40 -16.83 15.39
CA LYS A 87 -4.43 -17.79 14.30
C LYS A 87 -4.57 -19.21 14.82
N GLU A 88 -3.82 -19.55 15.88
CA GLU A 88 -3.90 -20.91 16.42
C GLU A 88 -5.28 -21.23 16.96
N ASP A 89 -5.83 -20.36 17.81
CA ASP A 89 -7.14 -20.61 18.41
C ASP A 89 -8.27 -20.73 17.37
N PHE A 90 -8.05 -20.29 16.13
CA PHE A 90 -9.10 -20.41 15.12
C PHE A 90 -8.80 -21.46 14.05
N ALA A 91 -7.64 -22.12 14.09
CA ALA A 91 -7.30 -23.07 13.04
C ALA A 91 -8.34 -24.17 12.98
N GLN A 92 -8.78 -24.48 11.76
CA GLN A 92 -9.76 -25.54 11.56
C GLN A 92 -11.07 -25.25 12.29
N ALA A 93 -11.34 -23.97 12.59
CA ALA A 93 -12.63 -23.61 13.16
C ALA A 93 -13.76 -24.01 12.25
N SER A 94 -13.52 -24.08 10.93
CA SER A 94 -14.58 -24.47 10.01
C SER A 94 -14.85 -25.96 10.03
N LEU A 95 -13.88 -26.76 10.47
CA LEU A 95 -13.99 -28.21 10.38
C LEU A 95 -14.93 -28.72 11.47
N LYS A 96 -16.13 -29.13 11.05
CA LYS A 96 -17.15 -29.59 11.98
C LYS A 96 -16.80 -30.98 12.52
N THR A 97 -16.76 -31.97 11.63
CA THR A 97 -16.43 -33.34 12.00
C THR A 97 -15.08 -33.72 11.40
N ASP A 98 -14.55 -34.86 11.84
CA ASP A 98 -13.28 -35.20 11.22
C ASP A 98 -13.42 -36.00 9.94
N HIS A 99 -14.62 -36.50 9.63
CA HIS A 99 -14.89 -37.10 8.34
C HIS A 99 -15.45 -36.09 7.33
N THR A 100 -15.10 -34.80 7.47
CA THR A 100 -15.62 -33.76 6.59
C THR A 100 -14.52 -33.27 5.68
N VAL A 101 -14.79 -33.25 4.38
CA VAL A 101 -13.89 -32.66 3.41
C VAL A 101 -14.49 -31.33 2.96
N ARG A 102 -13.80 -30.24 3.29
CA ARG A 102 -14.22 -28.90 2.92
C ARG A 102 -13.72 -28.58 1.52
N ILE A 103 -14.66 -28.27 0.62
CA ILE A 103 -14.34 -28.05 -0.79
C ILE A 103 -14.75 -26.64 -1.18
N VAL A 104 -13.90 -25.99 -1.97
CA VAL A 104 -14.19 -24.71 -2.60
C VAL A 104 -14.06 -24.91 -4.10
N CYS A 105 -14.96 -24.30 -4.86
CA CYS A 105 -14.90 -24.36 -6.31
C CYS A 105 -15.68 -23.17 -6.87
N LEU A 106 -15.66 -23.04 -8.18
CA LEU A 106 -16.52 -22.08 -8.85
C LEU A 106 -17.94 -22.62 -8.95
N HIS A 107 -18.91 -21.70 -9.03
CA HIS A 107 -20.32 -22.11 -9.14
C HIS A 107 -20.52 -23.08 -10.30
N THR A 108 -19.94 -22.74 -11.45
CA THR A 108 -20.05 -23.60 -12.64
C THR A 108 -19.71 -25.06 -12.32
N LEU A 109 -18.70 -25.27 -11.46
CA LEU A 109 -18.22 -26.61 -11.16
C LEU A 109 -19.01 -27.27 -10.03
N ALA A 110 -19.61 -26.48 -9.15
CA ALA A 110 -20.32 -27.03 -8.00
C ALA A 110 -21.59 -27.77 -8.39
N VAL A 111 -22.15 -27.50 -9.58
CA VAL A 111 -23.34 -28.19 -10.04
C VAL A 111 -23.06 -29.14 -11.20
N ASN A 112 -22.10 -28.82 -12.06
CA ASN A 112 -21.86 -29.59 -13.27
C ASN A 112 -20.74 -30.60 -13.13
N LEU A 113 -20.00 -30.58 -12.02
CA LEU A 113 -18.85 -31.47 -11.92
C LEU A 113 -18.83 -32.23 -10.61
N LEU A 114 -18.86 -31.51 -9.50
CA LEU A 114 -18.66 -32.15 -8.20
C LEU A 114 -19.74 -33.19 -7.91
N PRO A 115 -21.04 -32.90 -8.02
CA PRO A 115 -22.01 -33.98 -7.77
C PRO A 115 -21.77 -35.17 -8.69
N LYS A 116 -21.37 -34.92 -9.93
CA LYS A 116 -21.11 -36.04 -10.83
C LYS A 116 -19.91 -36.87 -10.37
N LEU A 117 -18.96 -36.24 -9.69
CA LEU A 117 -17.78 -36.96 -9.25
C LEU A 117 -18.06 -37.78 -8.00
N PHE A 118 -18.76 -37.20 -7.01
CA PHE A 118 -19.07 -37.98 -5.82
C PHE A 118 -19.91 -39.19 -6.17
N LEU A 119 -20.94 -39.03 -7.00
CA LEU A 119 -21.76 -40.18 -7.38
C LEU A 119 -20.91 -41.23 -8.06
N GLN A 120 -20.08 -40.83 -9.04
CA GLN A 120 -19.16 -41.74 -9.71
C GLN A 120 -18.29 -42.54 -8.74
N SER A 121 -18.17 -42.10 -7.50
CA SER A 121 -17.33 -42.75 -6.51
C SER A 121 -18.08 -42.93 -5.18
N ALA A 122 -19.40 -43.08 -5.23
CA ALA A 122 -20.23 -42.97 -4.03
C ALA A 122 -19.77 -43.92 -2.92
N GLU A 123 -19.30 -45.13 -3.28
CA GLU A 123 -18.98 -46.11 -2.26
C GLU A 123 -17.52 -46.07 -1.81
N ALA A 124 -16.62 -45.53 -2.62
CA ALA A 124 -15.29 -45.22 -2.09
C ALA A 124 -15.29 -43.99 -1.19
N LEU A 125 -16.42 -43.27 -1.11
CA LEU A 125 -16.55 -41.99 -0.41
C LEU A 125 -17.64 -42.02 0.64
N SER A 126 -18.23 -43.19 0.91
CA SER A 126 -19.46 -43.27 1.69
C SER A 126 -19.28 -42.80 3.12
N HIS A 127 -18.09 -42.99 3.69
CA HIS A 127 -17.79 -42.62 5.06
C HIS A 127 -17.47 -41.14 5.24
N LEU A 128 -17.70 -40.31 4.24
CA LEU A 128 -17.27 -38.92 4.29
C LEU A 128 -18.47 -37.99 4.22
N ASN A 129 -18.25 -36.77 4.70
CA ASN A 129 -19.19 -35.67 4.57
C ASN A 129 -18.50 -34.58 3.75
N LEU A 130 -19.21 -34.04 2.77
CA LEU A 130 -18.65 -33.04 1.87
C LEU A 130 -19.41 -31.74 2.04
N SER A 131 -18.68 -30.68 2.38
CA SER A 131 -19.22 -29.33 2.37
C SER A 131 -18.60 -28.65 1.16
N VAL A 132 -19.45 -28.31 0.18
CA VAL A 132 -18.99 -27.68 -1.05
C VAL A 132 -19.44 -26.23 -1.00
N THR A 133 -18.47 -25.32 -0.88
CA THR A 133 -18.74 -23.89 -0.81
C THR A 133 -18.34 -23.21 -2.12
N PRO A 134 -19.28 -22.94 -3.03
CA PRO A 134 -18.91 -22.20 -4.23
C PRO A 134 -18.53 -20.79 -3.83
N SER A 135 -17.48 -20.27 -4.46
CA SER A 135 -16.89 -19.09 -3.92
C SER A 135 -16.48 -18.15 -5.04
N VAL A 136 -16.50 -16.86 -4.70
CA VAL A 136 -16.21 -15.78 -5.63
C VAL A 136 -14.85 -15.14 -5.35
N LEU A 137 -14.27 -15.39 -4.17
CA LEU A 137 -12.97 -14.87 -3.77
C LEU A 137 -11.90 -15.08 -4.84
N GLY A 138 -10.86 -14.27 -4.81
CA GLY A 138 -9.77 -14.48 -5.75
C GLY A 138 -9.13 -15.84 -5.56
N ILE A 139 -8.56 -16.37 -6.65
CA ILE A 139 -7.84 -17.64 -6.54
C ILE A 139 -6.75 -17.54 -5.48
N ASP A 140 -6.17 -16.35 -5.29
CA ASP A 140 -5.13 -16.19 -4.28
C ASP A 140 -5.70 -16.37 -2.87
N ALA A 141 -6.93 -15.90 -2.64
CA ALA A 141 -7.53 -16.11 -1.33
C ALA A 141 -7.74 -17.60 -1.09
N HIS A 142 -8.21 -18.31 -2.13
CA HIS A 142 -8.42 -19.74 -2.01
C HIS A 142 -7.13 -20.49 -1.76
N PHE A 143 -6.05 -20.11 -2.46
CA PHE A 143 -4.75 -20.72 -2.21
C PHE A 143 -4.30 -20.48 -0.77
N GLN A 144 -4.51 -19.27 -0.25
CA GLN A 144 -4.13 -18.98 1.13
C GLN A 144 -4.94 -19.83 2.10
N MET A 145 -6.24 -19.99 1.85
CA MET A 145 -7.00 -20.85 2.76
C MET A 145 -6.54 -22.29 2.69
N LEU A 146 -6.06 -22.75 1.53
CA LEU A 146 -5.49 -24.10 1.47
C LEU A 146 -4.24 -24.20 2.34
N GLU A 147 -3.35 -23.19 2.26
CA GLU A 147 -2.14 -23.20 3.07
C GLU A 147 -2.48 -23.19 4.56
N ASP A 148 -3.46 -22.37 4.94
CA ASP A 148 -3.87 -22.29 6.34
C ASP A 148 -4.64 -23.51 6.80
N HIS A 149 -5.03 -24.41 5.89
CA HIS A 149 -5.90 -25.54 6.21
C HIS A 149 -7.30 -25.08 6.62
N SER A 150 -7.71 -23.92 6.11
CA SER A 150 -9.07 -23.43 6.29
C SER A 150 -10.06 -24.12 5.36
N THR A 151 -9.57 -24.63 4.23
CA THR A 151 -10.30 -25.55 3.38
C THR A 151 -9.40 -26.73 3.05
N ASP A 152 -9.96 -27.73 2.38
CA ASP A 152 -9.23 -28.94 2.04
C ASP A 152 -8.92 -29.09 0.56
N LEU A 153 -9.86 -28.80 -0.33
CA LEU A 153 -9.56 -28.91 -1.75
C LEU A 153 -10.09 -27.70 -2.49
N LEU A 154 -9.42 -27.38 -3.61
CA LEU A 154 -9.82 -26.30 -4.50
C LEU A 154 -9.98 -26.85 -5.91
N PHE A 155 -11.20 -26.79 -6.43
CA PHE A 155 -11.48 -27.10 -7.84
C PHE A 155 -11.67 -25.79 -8.59
N THR A 156 -11.03 -25.66 -9.75
CA THR A 156 -11.11 -24.41 -10.49
C THR A 156 -10.76 -24.67 -11.96
N TYR A 157 -10.82 -23.61 -12.77
CA TYR A 157 -10.40 -23.62 -14.17
C TYR A 157 -8.99 -23.06 -14.28
N ASN A 158 -8.35 -23.39 -15.40
CA ASN A 158 -6.98 -22.98 -15.67
C ASN A 158 -6.79 -23.10 -17.18
N ILE A 159 -5.58 -22.78 -17.65
CA ILE A 159 -5.28 -22.81 -19.09
C ILE A 159 -4.15 -23.79 -19.44
N LEU A 168 4.48 -20.07 -3.03
CA LEU A 168 3.16 -20.64 -2.80
C LEU A 168 3.08 -22.11 -3.27
N GLU A 169 3.54 -22.37 -4.50
CA GLU A 169 3.21 -23.61 -5.21
C GLU A 169 4.08 -24.79 -4.80
N ASP A 170 5.09 -24.59 -3.95
CA ASP A 170 5.80 -25.71 -3.34
C ASP A 170 5.06 -26.27 -2.13
N LYS A 171 3.99 -25.61 -1.68
CA LYS A 171 3.11 -26.14 -0.66
C LYS A 171 1.78 -26.63 -1.24
N LEU A 172 1.64 -26.61 -2.57
CA LEU A 172 0.38 -26.89 -3.23
C LEU A 172 0.58 -27.97 -4.28
N GLU A 173 -0.07 -29.10 -4.08
CA GLU A 173 -0.11 -30.16 -5.07
C GLU A 173 -1.34 -29.98 -5.95
N LYS A 174 -1.14 -29.92 -7.27
CA LYS A 174 -2.22 -29.79 -8.22
C LYS A 174 -2.40 -31.10 -8.98
N CYS A 175 -3.50 -31.19 -9.71
CA CYS A 175 -3.74 -32.34 -10.57
C CYS A 175 -4.85 -31.99 -11.55
N VAL A 176 -4.70 -32.47 -12.79
CA VAL A 176 -5.65 -32.20 -13.85
C VAL A 176 -6.75 -33.25 -13.83
N ILE A 177 -7.98 -32.79 -13.82
CA ILE A 177 -9.14 -33.66 -13.65
C ILE A 177 -9.76 -33.91 -15.01
N HIS A 178 -9.70 -32.92 -15.89
CA HIS A 178 -10.44 -32.93 -17.13
C HIS A 178 -9.98 -31.79 -18.04
N SER A 179 -9.71 -32.10 -19.30
CA SER A 179 -9.36 -31.09 -20.29
C SER A 179 -10.56 -30.92 -21.21
N GLU A 180 -10.68 -29.73 -21.78
CA GLU A 180 -11.99 -29.33 -22.27
C GLU A 180 -11.86 -28.07 -23.11
N LYS A 181 -12.97 -27.67 -23.70
CA LYS A 181 -13.03 -26.44 -24.47
C LYS A 181 -14.24 -25.64 -24.03
N VAL A 182 -14.10 -24.32 -24.11
CA VAL A 182 -15.24 -23.41 -24.02
C VAL A 182 -15.72 -23.15 -25.45
N VAL A 183 -16.96 -23.52 -25.74
CA VAL A 183 -17.43 -23.50 -27.12
C VAL A 183 -18.66 -22.62 -27.28
N PRO A 184 -18.84 -21.99 -28.44
CA PRO A 184 -20.06 -21.20 -28.69
C PRO A 184 -21.21 -22.13 -29.01
N VAL A 185 -22.34 -21.94 -28.33
CA VAL A 185 -23.51 -22.79 -28.56
C VAL A 185 -24.75 -21.94 -28.79
N VAL A 186 -25.74 -22.57 -29.44
CA VAL A 186 -26.95 -21.87 -29.84
C VAL A 186 -28.04 -22.90 -30.13
N ALA A 187 -29.29 -22.48 -29.99
CA ALA A 187 -30.42 -23.33 -30.35
C ALA A 187 -30.41 -23.57 -31.86
N PRO A 188 -30.79 -24.77 -32.31
CA PRO A 188 -30.62 -25.11 -33.73
C PRO A 188 -31.27 -24.12 -34.69
N ARG A 189 -32.44 -23.56 -34.34
CA ARG A 189 -33.19 -22.73 -35.28
C ARG A 189 -32.46 -21.46 -35.69
N LEU A 190 -31.23 -21.22 -35.23
CA LEU A 190 -30.56 -19.95 -35.49
C LEU A 190 -29.38 -20.13 -36.44
N LEU A 191 -29.10 -19.05 -37.19
CA LEU A 191 -28.02 -18.93 -38.17
C LEU A 191 -27.11 -17.73 -37.87
N ILE A 200 -25.53 -10.67 -34.31
CA ILE A 200 -25.70 -11.87 -33.50
C ILE A 200 -25.84 -11.56 -32.00
N PRO A 201 -27.00 -11.91 -31.43
CA PRO A 201 -27.27 -11.59 -30.02
C PRO A 201 -26.40 -12.44 -29.09
N TYR A 202 -25.89 -11.80 -28.04
CA TYR A 202 -24.76 -12.30 -27.27
C TYR A 202 -25.18 -12.51 -25.82
N LEU A 203 -24.91 -13.72 -25.29
CA LEU A 203 -25.17 -14.09 -23.91
C LEU A 203 -23.82 -14.23 -23.21
N SER A 204 -23.53 -13.32 -22.28
CA SER A 204 -22.15 -13.12 -21.85
C SER A 204 -21.98 -13.32 -20.35
N TYR A 205 -20.74 -13.59 -19.96
CA TYR A 205 -20.36 -13.58 -18.55
C TYR A 205 -20.09 -12.17 -18.08
N SER A 206 -20.58 -11.84 -16.88
CA SER A 206 -20.31 -10.54 -16.24
C SER A 206 -18.81 -10.27 -16.16
N GLU A 207 -18.45 -8.98 -16.08
CA GLU A 207 -17.05 -8.57 -16.26
C GLU A 207 -16.10 -9.31 -15.30
N HIS A 208 -16.46 -9.39 -14.02
CA HIS A 208 -15.52 -9.86 -13.00
C HIS A 208 -15.27 -11.36 -13.06
N THR A 209 -16.18 -12.14 -13.64
CA THR A 209 -16.10 -13.59 -13.57
C THR A 209 -14.87 -14.12 -14.30
N PHE A 210 -14.49 -15.35 -13.97
CA PHE A 210 -13.30 -15.97 -14.56
C PHE A 210 -13.47 -16.17 -16.06
N LEU A 211 -14.53 -16.90 -16.46
CA LEU A 211 -14.73 -17.20 -17.88
C LEU A 211 -14.84 -15.92 -18.71
N SER A 212 -15.36 -14.85 -18.10
CA SER A 212 -15.31 -13.54 -18.73
C SER A 212 -13.89 -13.23 -19.18
N LYS A 213 -12.96 -13.23 -18.21
CA LYS A 213 -11.54 -12.99 -18.51
C LYS A 213 -11.03 -13.95 -19.57
N VAL A 214 -11.64 -15.12 -19.67
CA VAL A 214 -11.21 -16.14 -20.62
C VAL A 214 -11.76 -15.86 -22.01
N VAL A 215 -13.07 -15.62 -22.09
CA VAL A 215 -13.73 -15.56 -23.39
C VAL A 215 -13.41 -14.26 -24.12
N GLU A 216 -13.56 -13.12 -23.43
CA GLU A 216 -13.56 -11.83 -24.11
C GLU A 216 -12.33 -11.58 -24.98
N PRO A 217 -11.08 -11.76 -24.49
CA PRO A 217 -9.93 -11.50 -25.37
C PRO A 217 -9.96 -12.35 -26.63
N VAL A 218 -10.45 -13.59 -26.54
CA VAL A 218 -10.59 -14.40 -27.73
C VAL A 218 -11.68 -13.85 -28.65
N LEU A 219 -12.53 -12.95 -28.15
CA LEU A 219 -13.52 -12.27 -28.98
C LEU A 219 -13.05 -10.87 -29.38
N LEU A 226 -21.73 -8.62 -32.56
CA LEU A 226 -22.25 -9.15 -31.31
C LEU A 226 -23.01 -8.12 -30.48
N LYS A 227 -24.30 -8.34 -30.32
CA LYS A 227 -25.15 -7.40 -29.58
C LYS A 227 -25.48 -7.97 -28.22
N PRO A 228 -25.08 -7.32 -27.13
CA PRO A 228 -25.38 -7.84 -25.80
C PRO A 228 -26.86 -7.82 -25.50
N VAL A 229 -27.36 -8.97 -25.03
CA VAL A 229 -28.75 -9.09 -24.61
C VAL A 229 -28.88 -9.61 -23.19
N PHE A 230 -27.84 -10.23 -22.63
CA PHE A 230 -27.97 -10.91 -21.35
C PHE A 230 -26.60 -11.23 -20.79
N GLU A 231 -26.39 -10.89 -19.52
CA GLU A 231 -25.09 -11.05 -18.91
C GLU A 231 -25.26 -11.52 -17.48
N THR A 232 -24.57 -12.61 -17.12
CA THR A 232 -24.54 -13.11 -15.74
C THR A 232 -23.21 -13.77 -15.45
N THR A 233 -23.11 -14.26 -14.23
CA THR A 233 -21.93 -14.97 -13.77
C THR A 233 -22.02 -16.46 -14.05
N LEU A 234 -23.24 -17.01 -14.13
CA LEU A 234 -23.44 -18.45 -14.07
C LEU A 234 -23.61 -19.06 -15.45
N SER A 235 -22.74 -20.02 -15.77
CA SER A 235 -22.81 -20.72 -17.04
C SER A 235 -24.20 -21.28 -17.28
N GLU A 236 -24.82 -21.85 -16.24
CA GLU A 236 -26.10 -22.53 -16.38
C GLU A 236 -27.24 -21.56 -16.66
N SER A 237 -27.12 -20.29 -16.27
CA SER A 237 -28.07 -19.28 -16.73
C SER A 237 -27.92 -19.01 -18.23
N LEU A 238 -26.68 -18.90 -18.69
CA LEU A 238 -26.41 -18.74 -20.13
C LEU A 238 -27.08 -19.85 -20.92
N VAL A 239 -27.01 -21.08 -20.41
CA VAL A 239 -27.46 -22.25 -21.14
C VAL A 239 -28.97 -22.23 -21.33
N LYS A 240 -29.71 -22.01 -20.23
CA LYS A 240 -31.16 -21.87 -20.31
C LYS A 240 -31.54 -20.82 -21.34
N MET A 241 -30.90 -19.65 -21.30
CA MET A 241 -31.16 -18.64 -22.33
C MET A 241 -30.79 -19.15 -23.71
N ALA A 242 -29.67 -19.88 -23.82
CA ALA A 242 -29.25 -20.38 -25.14
C ALA A 242 -30.23 -21.45 -25.64
N ILE A 243 -30.60 -22.40 -24.78
CA ILE A 243 -31.60 -23.39 -25.13
C ILE A 243 -32.88 -22.73 -25.60
N GLY A 244 -33.21 -21.57 -25.03
CA GLY A 244 -34.41 -20.83 -25.36
C GLY A 244 -34.35 -20.00 -26.63
N GLY A 245 -33.26 -20.10 -27.40
CA GLY A 245 -33.16 -19.32 -28.62
C GLY A 245 -32.81 -17.86 -28.44
N ALA A 246 -32.23 -17.47 -27.31
CA ALA A 246 -32.03 -16.05 -27.04
C ALA A 246 -30.73 -15.50 -27.61
N GLY A 247 -29.85 -16.33 -28.13
CA GLY A 247 -28.60 -15.85 -28.66
C GLY A 247 -27.51 -16.90 -28.48
N VAL A 248 -26.27 -16.45 -28.62
CA VAL A 248 -25.10 -17.32 -28.58
C VAL A 248 -24.43 -17.17 -27.23
N ALA A 249 -24.01 -18.30 -26.64
CA ALA A 249 -23.23 -18.31 -25.42
C ALA A 249 -22.00 -19.17 -25.60
N TRP A 250 -20.94 -18.78 -24.91
CA TRP A 250 -19.73 -19.59 -24.76
C TRP A 250 -19.81 -20.29 -23.43
N VAL A 251 -19.67 -21.61 -23.44
CA VAL A 251 -19.80 -22.35 -22.18
C VAL A 251 -18.88 -23.57 -22.24
N PRO A 252 -18.29 -23.95 -21.12
CA PRO A 252 -17.53 -25.20 -21.08
C PRO A 252 -18.36 -26.39 -21.57
N MET A 253 -17.69 -27.30 -22.27
CA MET A 253 -18.36 -28.42 -22.92
C MET A 253 -19.11 -29.32 -21.91
N HIS A 254 -18.48 -29.65 -20.78
CA HIS A 254 -19.09 -30.60 -19.85
C HIS A 254 -20.47 -30.16 -19.39
N VAL A 255 -20.73 -28.85 -19.41
CA VAL A 255 -22.00 -28.37 -18.92
C VAL A 255 -23.14 -28.72 -19.85
N ILE A 256 -22.87 -28.98 -21.12
CA ILE A 256 -23.91 -29.05 -22.14
C ILE A 256 -23.91 -30.39 -22.87
N GLU A 257 -23.36 -31.43 -22.26
CA GLU A 257 -23.25 -32.74 -22.89
C GLU A 257 -24.62 -33.30 -23.30
N GLU A 258 -25.61 -33.25 -22.40
CA GLU A 258 -26.95 -33.75 -22.71
C GLU A 258 -27.59 -32.95 -23.83
N GLU A 259 -27.62 -31.62 -23.66
CA GLU A 259 -28.28 -30.74 -24.61
C GLU A 259 -27.71 -30.92 -26.01
N LEU A 260 -26.40 -31.20 -26.10
CA LEU A 260 -25.80 -31.51 -27.39
C LEU A 260 -26.30 -32.84 -27.92
N ALA A 261 -26.41 -33.85 -27.06
CA ALA A 261 -26.91 -35.15 -27.48
C ALA A 261 -28.34 -35.03 -28.00
N GLN A 262 -29.21 -34.36 -27.24
CA GLN A 262 -30.62 -34.20 -27.59
C GLN A 262 -30.86 -33.15 -28.66
N HIS A 263 -29.81 -32.49 -29.15
CA HIS A 263 -29.92 -31.42 -30.14
C HIS A 263 -30.83 -30.28 -29.67
N ARG A 264 -30.78 -30.00 -28.37
CA ARG A 264 -31.34 -28.75 -27.85
C ARG A 264 -30.37 -27.60 -27.99
N LEU A 265 -29.07 -27.89 -28.08
CA LEU A 265 -28.04 -26.94 -28.47
C LEU A 265 -27.18 -27.59 -29.54
N VAL A 266 -26.61 -26.74 -30.41
CA VAL A 266 -25.55 -27.15 -31.32
C VAL A 266 -24.39 -26.16 -31.18
N ILE A 267 -23.17 -26.63 -31.42
CA ILE A 267 -22.01 -25.76 -31.39
C ILE A 267 -22.00 -24.90 -32.65
N ALA A 268 -21.75 -23.62 -32.46
CA ALA A 268 -21.84 -22.65 -33.56
C ALA A 268 -20.50 -22.53 -34.26
N PHE A 269 -20.54 -22.48 -35.59
CA PHE A 269 -19.34 -22.54 -36.44
C PHE A 269 -18.44 -23.70 -36.00
N GLU A 270 -19.04 -24.88 -35.90
CA GLU A 270 -18.34 -26.01 -35.29
C GLU A 270 -17.09 -26.39 -36.06
N GLU A 271 -17.10 -26.18 -37.37
CA GLU A 271 -16.01 -26.58 -38.23
C GLU A 271 -14.74 -25.77 -37.96
N GLN A 272 -14.85 -24.68 -37.20
CA GLN A 272 -13.81 -23.66 -37.09
C GLN A 272 -13.35 -23.56 -35.64
N LYS A 273 -12.43 -24.44 -35.28
CA LYS A 273 -11.97 -24.53 -33.91
C LYS A 273 -11.34 -23.23 -33.42
N GLU A 274 -11.37 -22.20 -34.25
CA GLU A 274 -10.82 -20.88 -33.93
C GLU A 274 -11.54 -20.25 -32.75
N TRP A 275 -12.85 -20.47 -32.65
CA TRP A 275 -13.71 -19.80 -31.67
C TRP A 275 -13.79 -20.57 -30.36
N GLN A 276 -13.02 -21.65 -30.22
CA GLN A 276 -13.12 -22.52 -29.08
C GLN A 276 -11.84 -22.38 -28.27
N ILE A 277 -11.99 -22.32 -26.96
CA ILE A 277 -10.89 -22.00 -26.05
C ILE A 277 -10.62 -23.23 -25.21
N PRO A 278 -9.42 -23.80 -25.26
CA PRO A 278 -9.10 -24.91 -24.35
C PRO A 278 -8.94 -24.41 -22.93
N ILE A 279 -9.39 -25.23 -21.99
CA ILE A 279 -9.22 -24.99 -20.56
C ILE A 279 -8.87 -26.31 -19.90
N ASP A 280 -8.57 -26.24 -18.61
CA ASP A 280 -8.23 -27.41 -17.81
C ASP A 280 -8.93 -27.27 -16.47
N ILE A 281 -9.47 -28.37 -15.99
CA ILE A 281 -10.14 -28.39 -14.70
C ILE A 281 -9.17 -28.99 -13.69
N LEU A 282 -8.84 -28.21 -12.66
CA LEU A 282 -7.76 -28.52 -11.74
C LEU A 282 -8.28 -28.69 -10.32
N CYS A 283 -7.67 -29.63 -9.60
CA CYS A 283 -7.80 -29.76 -8.16
C CYS A 283 -6.47 -29.38 -7.51
N TYR A 284 -6.52 -28.55 -6.48
CA TYR A 284 -5.34 -28.30 -5.67
C TYR A 284 -5.59 -28.70 -4.22
N ARG A 285 -4.52 -29.17 -3.58
CA ARG A 285 -4.52 -29.43 -2.15
C ARG A 285 -3.18 -28.95 -1.59
N SER A 286 -3.13 -28.78 -0.28
CA SER A 286 -1.89 -28.34 0.33
C SER A 286 -1.04 -29.57 0.65
N THR A 287 0.27 -29.44 0.43
CA THR A 287 1.18 -30.54 0.76
C THR A 287 1.30 -30.74 2.27
N THR A 288 0.90 -29.76 3.06
CA THR A 288 1.08 -29.79 4.51
C THR A 288 -0.17 -30.25 5.25
N ASN A 289 -1.17 -30.77 4.54
CA ASN A 289 -2.43 -31.19 5.13
C ASN A 289 -2.54 -32.70 4.94
N HIS A 290 -2.37 -33.44 6.03
CA HIS A 290 -2.26 -34.89 5.95
C HIS A 290 -3.41 -35.58 6.66
N ARG A 291 -4.55 -34.92 6.81
CA ARG A 291 -5.71 -35.58 7.40
C ARG A 291 -6.16 -36.72 6.48
N ALA A 292 -6.59 -37.82 7.11
CA ALA A 292 -6.95 -39.02 6.35
C ALA A 292 -8.06 -38.75 5.36
N ALA A 293 -9.15 -38.14 5.83
CA ALA A 293 -10.34 -37.96 5.00
C ALA A 293 -10.01 -37.23 3.71
N VAL A 294 -9.05 -36.31 3.75
CA VAL A 294 -8.69 -35.58 2.53
C VAL A 294 -7.91 -36.46 1.58
N ASP A 295 -6.81 -37.07 2.05
CA ASP A 295 -5.99 -37.92 1.19
C ASP A 295 -6.82 -39.03 0.56
N GLN A 296 -7.79 -39.57 1.31
CA GLN A 296 -8.71 -40.55 0.74
C GLN A 296 -9.43 -39.97 -0.47
N PHE A 297 -10.11 -38.83 -0.29
CA PHE A 297 -10.76 -38.15 -1.39
C PHE A 297 -9.80 -37.93 -2.55
N TRP A 298 -8.57 -37.47 -2.25
CA TRP A 298 -7.62 -37.12 -3.31
C TRP A 298 -7.28 -38.31 -4.21
N GLN A 299 -6.99 -39.46 -3.61
CA GLN A 299 -6.53 -40.59 -4.43
C GLN A 299 -7.63 -41.12 -5.34
N GLU A 300 -8.89 -41.06 -4.91
CA GLU A 300 -10.01 -41.30 -5.81
C GLU A 300 -10.11 -40.25 -6.91
N ILE A 301 -9.55 -39.06 -6.71
CA ILE A 301 -9.65 -37.96 -7.66
C ILE A 301 -8.51 -37.98 -8.68
N ASP A 302 -7.29 -38.34 -8.21
CA ASP A 302 -6.08 -38.14 -9.02
C ASP A 302 -6.13 -38.90 -10.34
N LYS A 303 -6.43 -40.21 -10.29
CA LYS A 303 -6.62 -41.03 -11.48
C LYS A 303 -5.40 -41.04 -12.41
N ASN B 7 10.32 8.01 -17.65
CA ASN B 7 9.22 7.31 -18.33
C ASN B 7 8.28 6.66 -17.31
N PRO B 8 6.97 6.69 -17.57
CA PRO B 8 6.02 6.19 -16.57
C PRO B 8 5.85 4.69 -16.62
N LEU B 9 5.57 4.11 -15.45
CA LEU B 9 5.18 2.71 -15.36
C LEU B 9 3.86 2.47 -16.10
N GLU B 10 3.81 1.42 -16.91
CA GLU B 10 2.59 0.94 -17.55
C GLU B 10 2.16 -0.34 -16.83
N PHE B 11 0.91 -0.38 -16.37
CA PHE B 11 0.57 -1.49 -15.47
C PHE B 11 0.44 -2.80 -16.22
N LYS B 12 0.17 -2.76 -17.53
CA LYS B 12 0.18 -4.03 -18.27
C LYS B 12 1.55 -4.71 -18.23
N TRP B 13 2.63 -3.97 -17.94
CA TRP B 13 3.93 -4.61 -17.79
C TRP B 13 3.91 -5.63 -16.64
N LEU B 14 3.21 -5.29 -15.55
CA LEU B 14 3.18 -6.15 -14.38
C LEU B 14 2.58 -7.51 -14.72
N GLU B 15 1.48 -7.52 -15.50
CA GLU B 15 0.91 -8.80 -15.94
C GLU B 15 1.81 -9.49 -16.96
N ASP B 16 2.47 -8.71 -17.82
CA ASP B 16 3.48 -9.29 -18.72
C ASP B 16 4.54 -10.02 -17.93
N PHE B 17 5.04 -9.37 -16.87
CA PHE B 17 6.06 -9.97 -16.01
C PHE B 17 5.56 -11.30 -15.41
N LEU B 18 4.34 -11.31 -14.86
CA LEU B 18 3.84 -12.52 -14.22
C LEU B 18 3.61 -13.65 -15.24
N SER B 19 3.20 -13.31 -16.46
CA SER B 19 2.99 -14.36 -17.46
C SER B 19 4.31 -15.00 -17.85
N LEU B 20 5.36 -14.19 -18.04
CA LEU B 20 6.64 -14.77 -18.44
C LEU B 20 7.22 -15.61 -17.31
N MET B 21 7.12 -15.13 -16.08
CA MET B 21 7.54 -15.89 -14.92
C MET B 21 6.81 -17.24 -14.81
N GLU B 22 5.50 -17.25 -15.03
CA GLU B 22 4.76 -18.50 -14.88
C GLU B 22 5.07 -19.45 -16.03
N LEU B 23 5.09 -18.95 -17.26
CA LEU B 23 5.23 -19.85 -18.40
C LEU B 23 6.67 -20.04 -18.86
N GLY B 24 7.60 -19.19 -18.44
CA GLY B 24 9.00 -19.47 -18.71
C GLY B 24 9.40 -19.45 -20.16
N ASN B 25 8.58 -18.87 -21.05
CA ASN B 25 8.84 -18.95 -22.47
C ASN B 25 8.18 -17.75 -23.18
N PHE B 26 8.87 -17.18 -24.17
CA PHE B 26 8.36 -15.96 -24.78
C PHE B 26 7.14 -16.23 -25.66
N SER B 27 7.17 -17.29 -26.48
CA SER B 27 5.99 -17.59 -27.30
C SER B 27 4.76 -17.82 -26.42
N ALA B 28 4.91 -18.61 -25.36
CA ALA B 28 3.75 -18.93 -24.54
C ALA B 28 3.27 -17.70 -23.78
N ALA B 29 4.21 -16.89 -23.30
CA ALA B 29 3.81 -15.74 -22.49
C ALA B 29 3.07 -14.72 -23.34
N ALA B 30 3.56 -14.47 -24.57
CA ALA B 30 2.90 -13.52 -25.47
C ALA B 30 1.47 -13.96 -25.81
N LYS B 31 1.30 -15.25 -26.09
CA LYS B 31 -0.05 -15.76 -26.39
C LYS B 31 -0.98 -15.54 -25.21
N ALA B 32 -0.53 -15.84 -24.00
CA ALA B 32 -1.37 -15.66 -22.83
C ALA B 32 -1.72 -14.19 -22.56
N ARG B 33 -0.98 -13.25 -23.14
CA ARG B 33 -1.29 -11.84 -23.00
C ARG B 33 -1.86 -11.24 -24.28
N PHE B 34 -2.14 -12.06 -25.28
CA PHE B 34 -2.82 -11.63 -26.50
C PHE B 34 -2.09 -10.49 -27.22
N VAL B 35 -0.78 -10.67 -27.40
CA VAL B 35 0.03 -9.73 -28.18
C VAL B 35 1.01 -10.55 -29.01
N THR B 36 1.58 -9.90 -30.03
CA THR B 36 2.66 -10.56 -30.76
C THR B 36 3.83 -10.84 -29.82
N GLN B 37 4.62 -11.84 -30.19
CA GLN B 37 5.81 -12.15 -29.41
C GLN B 37 6.76 -10.97 -29.39
N SER B 38 6.86 -10.24 -30.51
CA SER B 38 7.77 -9.09 -30.56
C SER B 38 7.26 -7.94 -29.71
N ALA B 39 5.96 -7.67 -29.74
CA ALA B 39 5.39 -6.67 -28.84
C ALA B 39 5.63 -7.06 -27.38
N PHE B 40 5.42 -8.33 -27.06
CA PHE B 40 5.64 -8.79 -25.71
C PHE B 40 7.09 -8.56 -25.29
N SER B 41 8.02 -8.89 -26.17
CA SER B 41 9.44 -8.64 -25.90
C SER B 41 9.71 -7.18 -25.58
N ARG B 42 9.20 -6.26 -26.42
CA ARG B 42 9.49 -4.85 -26.19
C ARG B 42 8.91 -4.39 -24.87
N ARG B 43 7.77 -4.97 -24.47
CA ARG B 43 7.21 -4.61 -23.17
C ARG B 43 8.09 -5.13 -22.03
N ILE B 44 8.56 -6.38 -22.10
CA ILE B 44 9.44 -6.89 -21.04
C ILE B 44 10.71 -6.04 -20.94
N GLN B 45 11.33 -5.72 -22.06
CA GLN B 45 12.51 -4.86 -22.01
C GLN B 45 12.18 -3.49 -21.42
N ALA B 46 11.05 -2.89 -21.83
CA ALA B 46 10.68 -1.59 -21.28
C ALA B 46 10.48 -1.66 -19.76
N LEU B 47 9.94 -2.78 -19.26
CA LEU B 47 9.83 -2.90 -17.80
C LEU B 47 11.20 -3.03 -17.14
N GLU B 48 12.11 -3.80 -17.75
CA GLU B 48 13.44 -3.94 -17.16
C GLU B 48 14.20 -2.62 -17.16
N VAL B 49 14.01 -1.79 -18.20
CA VAL B 49 14.64 -0.47 -18.24
C VAL B 49 14.06 0.41 -17.14
N TRP B 50 12.75 0.31 -16.91
CA TRP B 50 12.10 1.14 -15.91
C TRP B 50 12.53 0.78 -14.50
N ILE B 51 12.56 -0.52 -14.17
CA ILE B 51 12.92 -0.89 -12.80
C ILE B 51 14.43 -0.76 -12.57
N GLY B 52 15.22 -0.73 -13.66
CA GLY B 52 16.65 -0.50 -13.58
C GLY B 52 17.54 -1.73 -13.36
N VAL B 53 16.97 -2.92 -13.18
CA VAL B 53 17.75 -4.15 -13.03
C VAL B 53 17.15 -5.25 -13.90
N PRO B 54 17.93 -6.20 -14.40
CA PRO B 54 17.32 -7.30 -15.16
C PRO B 54 16.52 -8.21 -14.24
N LEU B 55 15.25 -8.41 -14.57
CA LEU B 55 14.36 -9.25 -13.79
C LEU B 55 14.38 -10.72 -14.23
N PHE B 56 14.75 -11.01 -15.48
CA PHE B 56 14.74 -12.37 -16.01
C PHE B 56 16.16 -12.85 -16.32
N ASP B 57 16.43 -14.10 -15.96
CA ASP B 57 17.71 -14.73 -16.27
C ASP B 57 17.55 -15.38 -17.61
N ARG B 58 18.21 -14.83 -18.63
CA ARG B 58 18.07 -15.37 -19.98
C ARG B 58 19.15 -16.39 -20.30
N THR B 59 19.98 -16.75 -19.33
CA THR B 59 21.06 -17.68 -19.61
C THR B 59 20.61 -19.13 -19.71
N SER B 60 19.32 -19.42 -19.58
CA SER B 60 18.86 -20.79 -19.85
C SER B 60 17.39 -20.77 -20.24
N TYR B 61 16.87 -21.96 -20.54
CA TYR B 61 15.50 -22.16 -20.95
C TYR B 61 14.96 -23.27 -20.08
N PRO B 62 13.77 -23.11 -19.47
CA PRO B 62 12.89 -21.92 -19.46
C PRO B 62 13.56 -20.70 -18.88
N ILE B 63 13.08 -19.51 -19.27
CA ILE B 63 13.51 -18.30 -18.59
C ILE B 63 13.10 -18.42 -17.14
N THR B 64 14.01 -18.04 -16.25
CA THR B 64 13.78 -17.96 -14.80
C THR B 64 13.93 -16.51 -14.35
N LEU B 65 13.78 -16.29 -13.04
CA LEU B 65 13.91 -14.95 -12.48
C LEU B 65 15.33 -14.76 -11.97
N THR B 66 15.84 -13.54 -12.11
CA THR B 66 17.01 -13.15 -11.33
C THR B 66 16.60 -13.04 -9.86
N GLU B 67 17.62 -12.90 -9.02
CA GLU B 67 17.40 -12.63 -7.61
C GLU B 67 16.49 -11.41 -7.44
N HIS B 68 16.79 -10.32 -8.15
CA HIS B 68 15.91 -9.15 -8.12
C HIS B 68 14.53 -9.47 -8.72
N GLY B 69 14.49 -10.24 -9.80
CA GLY B 69 13.21 -10.66 -10.33
C GLY B 69 12.37 -11.32 -9.26
N GLN B 70 13.00 -12.18 -8.44
CA GLN B 70 12.27 -12.85 -7.37
C GLN B 70 11.84 -11.85 -6.29
N LYS B 71 12.70 -10.86 -5.94
CA LYS B 71 12.25 -9.77 -5.08
C LYS B 71 11.10 -8.97 -5.70
N PHE B 72 11.07 -8.83 -7.04
CA PHE B 72 10.04 -7.96 -7.66
C PHE B 72 8.66 -8.59 -7.64
N VAL B 73 8.55 -9.91 -7.50
CA VAL B 73 7.27 -10.61 -7.59
C VAL B 73 6.23 -9.95 -6.67
N PRO B 74 6.42 -9.89 -5.34
CA PRO B 74 5.40 -9.25 -4.50
C PRO B 74 5.04 -7.84 -4.90
N TYR B 75 5.98 -7.07 -5.46
CA TYR B 75 5.63 -5.72 -5.88
C TYR B 75 4.67 -5.72 -7.06
N ALA B 76 4.89 -6.60 -8.05
CA ALA B 76 3.96 -6.70 -9.18
C ALA B 76 2.57 -7.06 -8.68
N GLU B 77 2.48 -8.08 -7.84
CA GLU B 77 1.19 -8.52 -7.32
C GLU B 77 0.52 -7.44 -6.50
N ASN B 78 1.29 -6.75 -5.67
CA ASN B 78 0.70 -5.70 -4.83
C ASN B 78 0.14 -4.58 -5.68
N LEU B 79 0.95 -4.03 -6.58
CA LEU B 79 0.50 -2.96 -7.46
C LEU B 79 -0.74 -3.38 -8.23
N LEU B 80 -0.76 -4.61 -8.74
CA LEU B 80 -1.88 -5.06 -9.57
C LEU B 80 -3.14 -5.25 -8.72
N ASN B 81 -2.97 -5.83 -7.54
CA ASN B 81 -4.08 -5.89 -6.58
C ASN B 81 -4.67 -4.50 -6.28
N GLN B 82 -3.82 -3.47 -6.14
CA GLN B 82 -4.33 -2.16 -5.73
C GLN B 82 -5.07 -1.46 -6.86
N VAL B 83 -4.58 -1.58 -8.10
CA VAL B 83 -5.39 -1.12 -9.24
C VAL B 83 -6.75 -1.81 -9.22
N LYS B 84 -6.75 -3.12 -9.04
CA LYS B 84 -7.98 -3.89 -9.17
C LYS B 84 -8.97 -3.48 -8.08
N VAL B 85 -8.47 -3.25 -6.87
CA VAL B 85 -9.31 -2.81 -5.77
C VAL B 85 -9.83 -1.39 -6.01
N THR B 86 -8.98 -0.54 -6.58
CA THR B 86 -9.42 0.83 -6.87
C THR B 86 -10.66 0.79 -7.76
N LYS B 87 -10.61 -0.02 -8.81
CA LYS B 87 -11.73 -0.13 -9.73
C LYS B 87 -12.97 -0.69 -9.03
N GLU B 88 -12.80 -1.78 -8.30
CA GLU B 88 -13.96 -2.49 -7.74
C GLU B 88 -14.64 -1.67 -6.64
N ASP B 89 -13.85 -1.00 -5.80
CA ASP B 89 -14.42 -0.21 -4.69
C ASP B 89 -15.33 0.91 -5.17
N PHE B 90 -15.28 1.26 -6.46
CA PHE B 90 -16.14 2.30 -7.03
C PHE B 90 -17.07 1.81 -8.13
N ALA B 91 -16.98 0.54 -8.52
CA ALA B 91 -17.75 0.06 -9.66
C ALA B 91 -19.23 -0.04 -9.31
N GLN B 92 -20.08 0.19 -10.32
CA GLN B 92 -21.51 0.40 -10.10
C GLN B 92 -22.26 0.70 -11.40
N ALA B 93 -23.56 0.35 -11.44
CA ALA B 93 -24.52 0.92 -12.39
C ALA B 93 -24.14 0.64 -13.84
N SER B 94 -23.82 -0.62 -14.14
CA SER B 94 -23.44 -1.05 -15.49
C SER B 94 -24.62 -0.87 -16.44
N LEU B 95 -24.76 0.35 -16.96
CA LEU B 95 -25.92 0.74 -17.76
C LEU B 95 -25.50 0.89 -19.23
N LYS B 96 -25.22 -0.25 -19.86
CA LYS B 96 -24.67 -0.24 -21.21
C LYS B 96 -25.62 0.41 -22.21
N THR B 97 -26.92 0.27 -22.01
CA THR B 97 -27.92 0.83 -22.90
C THR B 97 -28.84 1.72 -22.08
N ASP B 98 -29.48 2.66 -22.77
CA ASP B 98 -30.67 3.31 -22.21
C ASP B 98 -31.71 2.27 -21.78
N HIS B 99 -31.59 1.04 -22.28
CA HIS B 99 -32.58 -0.01 -22.01
C HIS B 99 -31.96 -1.22 -21.31
N THR B 100 -30.84 -1.04 -20.61
CA THR B 100 -30.30 -2.08 -19.75
C THR B 100 -31.05 -2.11 -18.41
N VAL B 101 -31.35 -3.31 -17.93
CA VAL B 101 -32.01 -3.54 -16.65
C VAL B 101 -31.02 -4.26 -15.74
N ARG B 102 -30.56 -3.58 -14.69
CA ARG B 102 -29.62 -4.13 -13.73
C ARG B 102 -30.39 -4.89 -12.65
N ILE B 103 -30.22 -6.21 -12.59
CA ILE B 103 -31.00 -7.06 -11.72
C ILE B 103 -30.10 -7.69 -10.67
N VAL B 104 -30.58 -7.71 -9.43
CA VAL B 104 -29.87 -8.30 -8.30
C VAL B 104 -30.71 -9.43 -7.72
N CYS B 105 -30.09 -10.60 -7.54
CA CYS B 105 -30.68 -11.68 -6.74
C CYS B 105 -29.66 -12.76 -6.38
N ALA B 110 -30.36 -18.30 -7.29
CA ALA B 110 -31.54 -18.16 -8.13
C ALA B 110 -31.21 -18.20 -9.63
N VAL B 111 -30.89 -19.40 -10.12
CA VAL B 111 -30.54 -19.58 -11.53
C VAL B 111 -31.78 -19.68 -12.40
N ASN B 112 -32.66 -20.64 -12.08
CA ASN B 112 -33.79 -20.97 -12.96
C ASN B 112 -34.79 -19.84 -13.10
N LEU B 113 -34.82 -18.89 -12.16
CA LEU B 113 -35.89 -17.89 -12.16
C LEU B 113 -35.80 -16.97 -13.36
N LEU B 114 -34.71 -16.19 -13.45
CA LEU B 114 -34.67 -15.10 -14.42
C LEU B 114 -34.76 -15.56 -15.87
N PRO B 115 -34.03 -16.59 -16.33
CA PRO B 115 -34.21 -17.03 -17.72
C PRO B 115 -35.65 -17.41 -18.04
N LYS B 116 -36.28 -18.21 -17.19
CA LYS B 116 -37.66 -18.59 -17.40
C LYS B 116 -38.54 -17.37 -17.61
N LEU B 117 -38.35 -16.35 -16.76
CA LEU B 117 -39.19 -15.16 -16.83
C LEU B 117 -38.90 -14.33 -18.08
N PHE B 118 -37.62 -14.16 -18.44
CA PHE B 118 -37.27 -13.46 -19.67
C PHE B 118 -37.91 -14.16 -20.87
N LEU B 119 -37.61 -15.45 -21.03
CA LEU B 119 -38.10 -16.17 -22.20
C LEU B 119 -39.61 -16.19 -22.25
N GLN B 120 -40.26 -16.21 -21.08
CA GLN B 120 -41.73 -16.20 -21.01
C GLN B 120 -42.33 -14.95 -21.64
N SER B 121 -41.55 -13.90 -21.89
CA SER B 121 -42.08 -12.73 -22.57
C SER B 121 -40.97 -12.06 -23.38
N ALA B 122 -40.21 -12.88 -24.13
CA ALA B 122 -39.06 -12.37 -24.86
C ALA B 122 -39.49 -11.37 -25.94
N GLU B 123 -40.66 -11.57 -26.55
CA GLU B 123 -41.10 -10.66 -27.60
C GLU B 123 -41.36 -9.26 -27.05
N ALA B 124 -41.92 -9.18 -25.85
CA ALA B 124 -42.17 -7.90 -25.21
C ALA B 124 -40.89 -7.23 -24.69
N LEU B 125 -39.85 -8.01 -24.41
CA LEU B 125 -38.59 -7.45 -23.92
C LEU B 125 -37.45 -7.66 -24.91
N SER B 126 -37.79 -7.83 -26.18
CA SER B 126 -36.78 -8.03 -27.22
C SER B 126 -35.70 -6.95 -27.17
N HIS B 127 -36.13 -5.69 -27.09
CA HIS B 127 -35.27 -4.51 -27.19
C HIS B 127 -34.42 -4.30 -25.95
N LEU B 128 -34.77 -4.94 -24.84
CA LEU B 128 -34.01 -4.77 -23.61
C LEU B 128 -32.74 -5.61 -23.63
N ASN B 129 -31.89 -5.38 -22.64
CA ASN B 129 -30.80 -6.29 -22.31
C ASN B 129 -30.64 -6.28 -20.80
N LEU B 130 -30.35 -7.45 -20.23
CA LEU B 130 -30.37 -7.64 -18.79
C LEU B 130 -28.99 -7.89 -18.25
N SER B 131 -28.69 -7.26 -17.13
CA SER B 131 -27.51 -7.58 -16.34
C SER B 131 -28.02 -8.17 -15.04
N VAL B 132 -27.88 -9.49 -14.91
CA VAL B 132 -28.30 -10.20 -13.71
C VAL B 132 -27.06 -10.50 -12.88
N THR B 133 -27.19 -10.34 -11.56
CA THR B 133 -26.04 -10.51 -10.69
C THR B 133 -26.41 -11.32 -9.46
N PRO B 134 -25.72 -12.44 -9.21
CA PRO B 134 -25.90 -13.15 -7.93
C PRO B 134 -25.21 -12.39 -6.82
N SER B 135 -25.86 -12.34 -5.68
CA SER B 135 -25.51 -11.34 -4.67
C SER B 135 -25.70 -11.90 -3.27
N VAL B 136 -24.68 -11.77 -2.43
CA VAL B 136 -24.85 -12.02 -0.99
C VAL B 136 -24.15 -10.93 -0.18
N LEU B 137 -24.70 -9.72 -0.21
CA LEU B 137 -24.49 -8.75 0.84
C LEU B 137 -25.78 -8.69 1.67
N GLY B 138 -25.93 -7.63 2.46
CA GLY B 138 -27.08 -7.55 3.35
C GLY B 138 -28.39 -7.38 2.60
N ILE B 139 -29.47 -7.82 3.25
CA ILE B 139 -30.80 -7.35 2.87
C ILE B 139 -30.80 -5.83 2.80
N ASP B 140 -30.35 -5.18 3.88
CA ASP B 140 -30.28 -3.72 3.96
C ASP B 140 -29.56 -3.14 2.75
N ALA B 141 -28.37 -3.65 2.45
CA ALA B 141 -27.52 -3.09 1.41
C ALA B 141 -28.21 -3.10 0.06
N HIS B 142 -28.78 -4.24 -0.30
CA HIS B 142 -29.44 -4.37 -1.60
C HIS B 142 -30.65 -3.47 -1.70
N PHE B 143 -31.43 -3.39 -0.62
CA PHE B 143 -32.58 -2.49 -0.65
C PHE B 143 -32.15 -1.03 -0.75
N GLN B 144 -31.00 -0.68 -0.17
CA GLN B 144 -30.49 0.68 -0.36
C GLN B 144 -30.13 0.91 -1.82
N MET B 145 -29.44 -0.05 -2.44
CA MET B 145 -29.02 0.09 -3.83
C MET B 145 -30.21 0.31 -4.76
N LEU B 146 -31.36 -0.30 -4.45
CA LEU B 146 -32.56 -0.02 -5.23
C LEU B 146 -32.91 1.45 -5.20
N GLU B 147 -32.91 2.06 -4.02
CA GLU B 147 -33.18 3.49 -3.92
C GLU B 147 -31.96 4.33 -4.24
N ASP B 148 -30.75 3.76 -4.17
CA ASP B 148 -29.59 4.41 -4.74
C ASP B 148 -29.65 4.44 -6.26
N HIS B 149 -30.64 3.80 -6.86
CA HIS B 149 -30.76 3.68 -8.31
C HIS B 149 -29.52 3.04 -8.94
N SER B 150 -28.75 2.28 -8.16
CA SER B 150 -27.66 1.49 -8.68
C SER B 150 -28.11 0.13 -9.19
N THR B 151 -29.27 -0.34 -8.75
CA THR B 151 -29.93 -1.50 -9.33
C THR B 151 -31.39 -1.15 -9.59
N ASP B 152 -31.95 -1.78 -10.61
CA ASP B 152 -33.32 -1.51 -10.98
C ASP B 152 -34.29 -2.49 -10.34
N LEU B 153 -33.86 -3.73 -10.12
CA LEU B 153 -34.76 -4.79 -9.68
C LEU B 153 -34.09 -5.69 -8.67
N LEU B 154 -34.87 -6.13 -7.69
CA LEU B 154 -34.40 -7.00 -6.60
C LEU B 154 -35.31 -8.21 -6.52
N PHE B 155 -34.74 -9.40 -6.76
CA PHE B 155 -35.46 -10.66 -6.66
C PHE B 155 -35.04 -11.40 -5.40
N THR B 156 -36.01 -11.99 -4.71
CA THR B 156 -35.74 -12.54 -3.38
C THR B 156 -36.96 -13.34 -2.93
N TYR B 157 -36.75 -14.19 -1.93
CA TYR B 157 -37.85 -14.74 -1.17
C TYR B 157 -38.28 -13.72 -0.11
N ASN B 158 -39.49 -13.87 0.41
CA ASN B 158 -39.90 -12.97 1.50
C ASN B 158 -39.09 -13.24 2.78
N ASP B 170 -38.82 2.35 2.95
CA ASP B 170 -40.08 1.64 2.82
C ASP B 170 -40.83 2.09 1.57
N LYS B 171 -40.20 2.94 0.75
CA LYS B 171 -40.83 3.47 -0.46
C LYS B 171 -40.40 2.65 -1.68
N LEU B 172 -40.78 1.37 -1.65
CA LEU B 172 -40.34 0.38 -2.62
C LEU B 172 -41.53 -0.48 -2.99
N GLU B 173 -41.96 -0.41 -4.25
CA GLU B 173 -43.04 -1.29 -4.71
C GLU B 173 -42.55 -2.73 -4.75
N LYS B 174 -43.48 -3.67 -4.58
CA LYS B 174 -43.14 -5.08 -4.49
C LYS B 174 -44.16 -5.90 -5.26
N CYS B 175 -43.74 -7.13 -5.60
CA CYS B 175 -44.42 -7.93 -6.60
C CYS B 175 -44.26 -9.41 -6.27
N VAL B 176 -45.36 -10.16 -6.26
CA VAL B 176 -45.30 -11.61 -6.09
C VAL B 176 -44.97 -12.25 -7.44
N ILE B 177 -43.81 -12.89 -7.52
CA ILE B 177 -43.48 -13.65 -8.73
C ILE B 177 -44.36 -14.89 -8.80
N HIS B 178 -44.22 -15.79 -7.84
CA HIS B 178 -45.29 -16.72 -7.49
C HIS B 178 -45.02 -17.28 -6.11
N SER B 179 -46.09 -17.81 -5.50
CA SER B 179 -46.05 -18.41 -4.18
C SER B 179 -45.95 -19.92 -4.36
N GLU B 180 -44.81 -20.50 -4.00
CA GLU B 180 -44.60 -21.93 -4.18
C GLU B 180 -44.17 -22.52 -2.85
N LYS B 181 -43.61 -23.73 -2.91
CA LYS B 181 -43.42 -24.57 -1.73
C LYS B 181 -42.03 -25.22 -1.78
N VAL B 182 -41.29 -25.16 -0.67
CA VAL B 182 -40.06 -25.93 -0.52
C VAL B 182 -40.42 -27.35 -0.09
N VAL B 183 -40.05 -28.33 -0.90
CA VAL B 183 -40.50 -29.71 -0.69
C VAL B 183 -39.31 -30.65 -0.60
N PRO B 184 -39.43 -31.78 0.09
CA PRO B 184 -38.34 -32.75 0.13
C PRO B 184 -38.40 -33.73 -1.03
N VAL B 185 -37.24 -33.99 -1.63
CA VAL B 185 -37.14 -34.79 -2.85
C VAL B 185 -36.18 -35.94 -2.64
N VAL B 186 -36.46 -37.05 -3.31
CA VAL B 186 -35.59 -38.21 -3.27
C VAL B 186 -35.61 -38.89 -4.62
N ALA B 187 -34.53 -39.60 -4.94
CA ALA B 187 -34.51 -40.45 -6.11
C ALA B 187 -35.51 -41.58 -5.94
N PRO B 188 -36.22 -41.96 -7.01
CA PRO B 188 -37.21 -43.04 -6.88
C PRO B 188 -36.63 -44.32 -6.30
N ARG B 189 -35.37 -44.62 -6.57
CA ARG B 189 -34.68 -45.82 -6.11
C ARG B 189 -34.76 -46.06 -4.61
N LEU B 190 -35.22 -45.07 -3.83
CA LEU B 190 -35.16 -45.10 -2.38
C LEU B 190 -36.53 -45.39 -1.77
N LEU B 191 -36.59 -46.43 -0.94
CA LEU B 191 -37.81 -47.02 -0.42
C LEU B 191 -38.09 -46.69 1.04
N GLU B 192 -37.16 -46.03 1.73
CA GLU B 192 -37.14 -46.00 3.20
C GLU B 192 -37.45 -44.63 3.80
N GLN B 198 -35.73 -45.48 11.33
CA GLN B 198 -35.15 -45.24 10.01
C GLN B 198 -34.51 -43.86 9.95
N THR B 199 -33.21 -43.85 9.67
CA THR B 199 -32.47 -42.59 9.50
C THR B 199 -32.02 -42.51 8.04
N ILE B 200 -31.81 -41.29 7.55
CA ILE B 200 -31.68 -41.08 6.11
C ILE B 200 -30.54 -40.10 5.81
N PRO B 201 -29.68 -40.39 4.84
CA PRO B 201 -28.77 -39.35 4.32
C PRO B 201 -29.51 -38.07 3.98
N TYR B 202 -29.07 -36.96 4.56
CA TYR B 202 -29.73 -35.67 4.46
C TYR B 202 -28.83 -34.70 3.71
N LEU B 203 -29.37 -34.11 2.64
CA LEU B 203 -28.63 -33.16 1.79
C LEU B 203 -29.11 -31.76 2.15
N SER B 204 -28.24 -30.98 2.78
CA SER B 204 -28.61 -29.74 3.45
C SER B 204 -27.98 -28.52 2.81
N TYR B 205 -28.64 -27.39 3.01
CA TYR B 205 -28.03 -26.09 2.77
C TYR B 205 -27.05 -25.75 3.88
N SER B 206 -25.92 -25.13 3.50
CA SER B 206 -24.91 -24.68 4.44
C SER B 206 -25.49 -23.74 5.48
N GLU B 207 -24.69 -23.53 6.53
CA GLU B 207 -25.19 -22.94 7.76
C GLU B 207 -25.66 -21.50 7.58
N HIS B 208 -24.98 -20.70 6.77
CA HIS B 208 -25.36 -19.28 6.76
C HIS B 208 -25.91 -18.87 5.41
N THR B 209 -26.97 -19.54 4.98
CA THR B 209 -27.70 -19.18 3.76
C THR B 209 -29.15 -18.98 4.11
N PHE B 210 -29.86 -18.25 3.24
CA PHE B 210 -31.26 -17.96 3.54
C PHE B 210 -32.08 -19.24 3.66
N LEU B 211 -31.83 -20.21 2.77
CA LEU B 211 -32.67 -21.40 2.73
C LEU B 211 -32.46 -22.28 3.96
N SER B 212 -31.27 -22.25 4.56
CA SER B 212 -31.06 -22.93 5.84
C SER B 212 -31.99 -22.39 6.91
N LYS B 213 -32.13 -21.06 6.99
CA LYS B 213 -33.03 -20.43 7.96
C LYS B 213 -34.50 -20.73 7.70
N VAL B 214 -34.85 -21.25 6.53
CA VAL B 214 -36.23 -21.64 6.28
C VAL B 214 -36.45 -23.12 6.57
N VAL B 215 -35.47 -23.96 6.26
CA VAL B 215 -35.66 -25.40 6.34
C VAL B 215 -35.37 -25.93 7.74
N GLU B 216 -34.20 -25.63 8.32
CA GLU B 216 -33.84 -26.24 9.60
C GLU B 216 -34.86 -26.01 10.72
N PRO B 217 -35.51 -24.84 10.84
CA PRO B 217 -36.55 -24.71 11.87
C PRO B 217 -37.72 -25.66 11.67
N VAL B 218 -38.24 -25.78 10.44
CA VAL B 218 -39.34 -26.70 10.19
C VAL B 218 -38.94 -28.14 10.52
N LEU B 219 -37.72 -28.51 10.18
CA LEU B 219 -37.28 -29.89 10.37
C LEU B 219 -37.16 -30.28 11.84
N LYS B 220 -36.97 -29.31 12.72
CA LYS B 220 -36.80 -29.60 14.14
C LYS B 220 -38.14 -29.77 14.86
N THR B 225 -35.12 -38.67 11.79
CA THR B 225 -33.68 -38.62 11.99
C THR B 225 -32.95 -38.45 10.68
N LEU B 226 -32.17 -37.38 10.57
CA LEU B 226 -31.38 -37.10 9.38
C LEU B 226 -29.91 -37.30 9.68
N LYS B 227 -29.18 -37.91 8.73
CA LYS B 227 -27.74 -38.07 8.86
C LYS B 227 -27.04 -37.19 7.84
N PRO B 228 -26.29 -36.17 8.28
CA PRO B 228 -25.60 -35.30 7.32
C PRO B 228 -24.65 -36.06 6.42
N VAL B 229 -24.76 -35.81 5.11
CA VAL B 229 -24.04 -36.60 4.12
C VAL B 229 -23.43 -35.68 3.07
N PHE B 230 -24.04 -34.51 2.84
CA PHE B 230 -23.58 -33.57 1.83
C PHE B 230 -24.16 -32.20 2.11
N GLU B 231 -23.33 -31.18 1.96
CA GLU B 231 -23.67 -29.81 2.33
C GLU B 231 -23.18 -28.88 1.24
N THR B 232 -23.97 -27.85 0.94
CA THR B 232 -23.56 -26.83 -0.01
C THR B 232 -24.57 -25.69 0.09
N THR B 233 -24.32 -24.63 -0.69
CA THR B 233 -25.21 -23.49 -0.69
C THR B 233 -26.20 -23.51 -1.84
N LEU B 234 -26.03 -24.38 -2.83
CA LEU B 234 -26.79 -24.30 -4.08
C LEU B 234 -27.89 -25.37 -4.14
N SER B 235 -29.13 -24.92 -4.39
CA SER B 235 -30.23 -25.84 -4.62
C SER B 235 -29.94 -26.76 -5.79
N GLU B 236 -29.49 -26.20 -6.90
CA GLU B 236 -29.26 -27.03 -8.09
C GLU B 236 -28.19 -28.08 -7.83
N SER B 237 -27.26 -27.79 -6.93
CA SER B 237 -26.26 -28.77 -6.56
C SER B 237 -26.90 -29.90 -5.74
N LEU B 238 -27.76 -29.54 -4.77
CA LEU B 238 -28.46 -30.57 -4.00
C LEU B 238 -29.34 -31.41 -4.92
N VAL B 239 -29.93 -30.79 -5.94
CA VAL B 239 -30.78 -31.51 -6.88
C VAL B 239 -30.02 -32.65 -7.54
N LYS B 240 -28.78 -32.37 -8.00
CA LYS B 240 -28.03 -33.42 -8.69
C LYS B 240 -27.59 -34.53 -7.73
N MET B 241 -27.26 -34.17 -6.49
CA MET B 241 -26.94 -35.23 -5.53
C MET B 241 -28.15 -36.12 -5.31
N ALA B 242 -29.34 -35.54 -5.30
CA ALA B 242 -30.56 -36.29 -5.02
C ALA B 242 -30.94 -37.17 -6.20
N ILE B 243 -30.76 -36.67 -7.43
CA ILE B 243 -30.98 -37.48 -8.63
C ILE B 243 -30.11 -38.72 -8.59
N GLY B 244 -28.86 -38.58 -8.16
CA GLY B 244 -28.01 -39.74 -7.96
C GLY B 244 -28.35 -40.58 -6.74
N GLY B 245 -29.42 -40.25 -6.03
CA GLY B 245 -29.85 -41.04 -4.90
C GLY B 245 -29.02 -40.92 -3.64
N ALA B 246 -28.24 -39.85 -3.49
CA ALA B 246 -27.37 -39.74 -2.32
C ALA B 246 -28.12 -39.39 -1.04
N GLY B 247 -29.40 -39.04 -1.12
CA GLY B 247 -30.15 -38.71 0.07
C GLY B 247 -31.34 -37.84 -0.28
N VAL B 248 -31.96 -37.29 0.77
CA VAL B 248 -33.14 -36.45 0.61
C VAL B 248 -32.69 -35.00 0.79
N ALA B 249 -33.33 -34.10 0.04
CA ALA B 249 -33.05 -32.68 0.11
C ALA B 249 -34.36 -31.93 0.04
N TRP B 250 -34.42 -30.77 0.69
CA TRP B 250 -35.52 -29.84 0.49
C TRP B 250 -35.11 -28.82 -0.56
N VAL B 251 -35.92 -28.65 -1.60
CA VAL B 251 -35.61 -27.70 -2.66
C VAL B 251 -36.89 -27.02 -3.12
N PRO B 252 -36.77 -25.76 -3.53
CA PRO B 252 -37.95 -25.07 -4.06
C PRO B 252 -38.38 -25.72 -5.37
N MET B 253 -39.70 -25.87 -5.55
CA MET B 253 -40.14 -26.67 -6.68
C MET B 253 -39.81 -26.04 -8.02
N HIS B 254 -39.87 -24.70 -8.13
CA HIS B 254 -39.47 -24.04 -9.38
C HIS B 254 -38.06 -24.42 -9.82
N VAL B 255 -37.32 -25.15 -9.00
CA VAL B 255 -36.02 -25.66 -9.37
C VAL B 255 -36.08 -27.06 -9.99
N ILE B 256 -37.13 -27.84 -9.71
CA ILE B 256 -37.20 -29.26 -10.05
C ILE B 256 -38.42 -29.59 -10.91
N GLU B 257 -39.13 -28.58 -11.43
CA GLU B 257 -40.33 -28.82 -12.21
C GLU B 257 -40.08 -29.81 -13.34
N GLU B 258 -38.89 -29.76 -13.94
CA GLU B 258 -38.52 -30.65 -15.03
C GLU B 258 -38.09 -32.03 -14.54
N GLU B 259 -37.30 -32.09 -13.45
CA GLU B 259 -36.86 -33.37 -12.91
C GLU B 259 -38.04 -34.22 -12.46
N LEU B 260 -39.10 -33.58 -11.95
CA LEU B 260 -40.30 -34.31 -11.60
C LEU B 260 -41.00 -34.83 -12.86
N ALA B 261 -41.24 -33.93 -13.81
CA ALA B 261 -41.85 -34.33 -15.07
C ALA B 261 -41.05 -35.41 -15.80
N GLN B 262 -39.80 -35.64 -15.41
CA GLN B 262 -38.99 -36.68 -16.04
C GLN B 262 -38.80 -37.90 -15.17
N HIS B 263 -39.53 -38.01 -14.05
CA HIS B 263 -39.48 -39.18 -13.18
C HIS B 263 -38.08 -39.43 -12.64
N ARG B 264 -37.27 -38.39 -12.54
CA ARG B 264 -35.93 -38.54 -12.01
C ARG B 264 -35.86 -38.29 -10.52
N LEU B 265 -36.82 -37.54 -9.98
CA LEU B 265 -37.04 -37.37 -8.55
C LEU B 265 -38.53 -37.35 -8.25
N VAL B 266 -38.89 -37.88 -7.09
CA VAL B 266 -40.24 -37.83 -6.58
C VAL B 266 -40.23 -37.05 -5.28
N ILE B 267 -41.42 -36.63 -4.86
CA ILE B 267 -41.59 -35.96 -3.58
C ILE B 267 -41.71 -37.01 -2.49
N ALA B 268 -40.78 -36.98 -1.53
CA ALA B 268 -40.85 -37.89 -0.40
C ALA B 268 -41.98 -37.48 0.54
N PHE B 269 -42.57 -38.49 1.19
CA PHE B 269 -43.59 -38.30 2.22
C PHE B 269 -44.73 -37.43 1.70
N GLU B 270 -45.23 -37.79 0.51
CA GLU B 270 -46.28 -37.02 -0.15
C GLU B 270 -47.46 -36.76 0.78
N GLU B 271 -47.90 -37.81 1.48
CA GLU B 271 -49.03 -37.66 2.40
C GLU B 271 -48.71 -36.73 3.56
N GLN B 272 -47.44 -36.61 3.95
CA GLN B 272 -47.04 -35.62 4.94
C GLN B 272 -47.01 -34.26 4.23
N LYS B 273 -48.18 -33.67 4.11
CA LYS B 273 -48.31 -32.42 3.38
C LYS B 273 -47.85 -31.20 4.17
N GLU B 274 -47.49 -31.37 5.45
CA GLU B 274 -47.12 -30.24 6.30
C GLU B 274 -45.62 -30.16 6.53
N TRP B 275 -44.81 -30.92 5.80
CA TRP B 275 -43.36 -30.80 5.85
C TRP B 275 -42.85 -30.12 4.58
N GLN B 276 -43.76 -29.50 3.85
CA GLN B 276 -43.45 -28.65 2.72
C GLN B 276 -43.61 -27.20 3.16
N ILE B 277 -42.55 -26.42 3.05
CA ILE B 277 -42.52 -25.05 3.55
C ILE B 277 -43.06 -24.13 2.47
N PRO B 278 -44.15 -23.41 2.70
CA PRO B 278 -44.64 -22.44 1.72
C PRO B 278 -43.82 -21.16 1.75
N ILE B 279 -43.37 -20.71 0.59
CA ILE B 279 -42.52 -19.54 0.49
C ILE B 279 -42.94 -18.72 -0.73
N ASP B 280 -42.60 -17.45 -0.73
CA ASP B 280 -42.93 -16.54 -1.83
C ASP B 280 -41.68 -16.08 -2.55
N ILE B 281 -41.87 -15.72 -3.82
CA ILE B 281 -40.80 -15.12 -4.62
C ILE B 281 -41.23 -13.71 -4.98
N LEU B 282 -40.37 -12.74 -4.68
CA LEU B 282 -40.73 -11.34 -4.75
C LEU B 282 -39.76 -10.56 -5.63
N CYS B 283 -40.29 -9.55 -6.31
CA CYS B 283 -39.50 -8.56 -7.03
C CYS B 283 -39.75 -7.17 -6.45
N TYR B 284 -38.71 -6.34 -6.39
CA TYR B 284 -38.74 -5.00 -5.82
C TYR B 284 -38.15 -3.99 -6.78
N ARG B 285 -38.75 -2.80 -6.83
CA ARG B 285 -38.19 -1.69 -7.60
C ARG B 285 -38.45 -0.37 -6.88
N SER B 286 -37.57 0.59 -7.13
CA SER B 286 -37.70 1.91 -6.52
C SER B 286 -38.78 2.73 -7.22
N THR B 287 -39.63 3.37 -6.43
CA THR B 287 -40.71 4.17 -7.00
C THR B 287 -40.20 5.50 -7.60
N THR B 288 -38.95 5.87 -7.37
CA THR B 288 -38.36 7.04 -8.03
C THR B 288 -37.44 6.68 -9.19
N ASN B 289 -37.19 5.39 -9.43
CA ASN B 289 -36.36 4.95 -10.54
C ASN B 289 -37.22 4.95 -11.79
N HIS B 290 -37.22 6.06 -12.51
CA HIS B 290 -38.17 6.28 -13.59
C HIS B 290 -37.50 6.04 -14.95
N ARG B 291 -37.00 4.82 -15.11
CA ARG B 291 -36.45 4.39 -16.38
C ARG B 291 -37.51 3.62 -17.14
N ALA B 292 -37.63 3.89 -18.44
CA ALA B 292 -38.67 3.23 -19.22
C ALA B 292 -38.43 1.72 -19.31
N ALA B 293 -37.18 1.33 -19.56
CA ALA B 293 -36.84 -0.10 -19.65
C ALA B 293 -37.24 -0.85 -18.38
N VAL B 294 -36.89 -0.31 -17.21
CA VAL B 294 -37.27 -0.94 -15.95
C VAL B 294 -38.77 -1.14 -15.88
N ASP B 295 -39.53 -0.11 -16.23
CA ASP B 295 -40.97 -0.20 -16.15
C ASP B 295 -41.53 -1.19 -17.16
N GLN B 296 -40.91 -1.29 -18.33
CA GLN B 296 -41.37 -2.27 -19.32
C GLN B 296 -41.23 -3.68 -18.80
N PHE B 297 -40.04 -4.02 -18.29
CA PHE B 297 -39.83 -5.31 -17.63
C PHE B 297 -40.87 -5.54 -16.55
N TRP B 298 -41.04 -4.55 -15.68
CA TRP B 298 -41.92 -4.69 -14.51
C TRP B 298 -43.37 -4.97 -14.91
N GLN B 299 -43.83 -4.38 -16.02
CA GLN B 299 -45.21 -4.60 -16.43
C GLN B 299 -45.43 -6.00 -16.98
N GLU B 300 -44.38 -6.65 -17.46
CA GLU B 300 -44.51 -8.04 -17.86
C GLU B 300 -44.50 -8.96 -16.65
N ILE B 301 -43.81 -8.56 -15.59
CA ILE B 301 -43.59 -9.45 -14.46
C ILE B 301 -44.87 -9.63 -13.65
N ASP B 302 -45.51 -8.52 -13.27
CA ASP B 302 -46.73 -8.58 -12.48
C ASP B 302 -47.88 -9.23 -13.26
N MET C 5 5.36 -14.68 1.98
CA MET C 5 5.11 -13.91 3.21
C MET C 5 4.27 -12.65 2.96
N ASN C 6 3.05 -12.81 2.47
CA ASN C 6 2.24 -11.63 2.18
C ASN C 6 0.75 -11.94 2.30
N ASN C 7 0.38 -12.65 3.36
CA ASN C 7 -1.00 -12.66 3.88
C ASN C 7 -0.98 -12.13 5.32
N PRO C 8 -0.51 -10.91 5.55
CA PRO C 8 -0.41 -10.41 6.92
C PRO C 8 -1.75 -9.88 7.40
N LEU C 9 -1.96 -9.96 8.70
CA LEU C 9 -3.08 -9.26 9.31
C LEU C 9 -2.89 -7.77 9.12
N GLU C 10 -3.94 -7.09 8.72
CA GLU C 10 -3.96 -5.63 8.67
C GLU C 10 -4.80 -5.16 9.86
N PHE C 11 -4.24 -4.32 10.72
CA PHE C 11 -4.99 -3.97 11.92
C PHE C 11 -6.29 -3.23 11.60
N LYS C 12 -6.40 -2.57 10.43
CA LYS C 12 -7.65 -1.86 10.10
C LYS C 12 -8.85 -2.79 10.12
N TRP C 13 -8.65 -4.06 9.77
CA TRP C 13 -9.74 -5.02 9.79
C TRP C 13 -10.33 -5.16 11.18
N LEU C 14 -9.54 -4.92 12.23
CA LEU C 14 -10.05 -5.17 13.58
C LEU C 14 -11.10 -4.13 13.93
N GLU C 15 -10.81 -2.88 13.58
CA GLU C 15 -11.79 -1.82 13.72
C GLU C 15 -12.98 -2.05 12.79
N ASP C 16 -12.73 -2.51 11.56
CA ASP C 16 -13.86 -2.80 10.69
C ASP C 16 -14.78 -3.85 11.32
N PHE C 17 -14.22 -4.90 11.91
CA PHE C 17 -15.02 -5.92 12.56
C PHE C 17 -15.83 -5.35 13.73
N LEU C 18 -15.20 -4.54 14.58
CA LEU C 18 -15.88 -3.96 15.73
C LEU C 18 -17.01 -3.06 15.28
N SER C 19 -16.77 -2.31 14.22
CA SER C 19 -17.77 -1.37 13.74
C SER C 19 -18.99 -2.12 13.21
N LEU C 20 -18.78 -3.16 12.39
CA LEU C 20 -19.92 -3.91 11.87
C LEU C 20 -20.64 -4.68 12.98
N MET C 21 -19.89 -5.21 13.94
CA MET C 21 -20.51 -5.80 15.12
C MET C 21 -21.48 -4.85 15.79
N GLU C 22 -21.00 -3.63 16.04
CA GLU C 22 -21.81 -2.68 16.80
C GLU C 22 -22.97 -2.14 15.97
N LEU C 23 -22.79 -1.93 14.67
CA LEU C 23 -23.80 -1.24 13.87
C LEU C 23 -24.73 -2.17 13.09
N GLY C 24 -24.30 -3.39 12.78
CA GLY C 24 -25.18 -4.38 12.18
C GLY C 24 -25.57 -4.11 10.74
N ASN C 25 -24.87 -3.21 10.05
CA ASN C 25 -25.31 -2.70 8.76
C ASN C 25 -24.07 -2.31 7.96
N PHE C 26 -23.89 -2.91 6.78
CA PHE C 26 -22.68 -2.67 5.99
C PHE C 26 -22.55 -1.20 5.60
N SER C 27 -23.67 -0.56 5.25
CA SER C 27 -23.62 0.83 4.82
C SER C 27 -23.24 1.76 5.97
N ALA C 28 -23.82 1.54 7.16
CA ALA C 28 -23.48 2.38 8.31
C ALA C 28 -22.03 2.19 8.75
N ALA C 29 -21.55 0.93 8.82
CA ALA C 29 -20.17 0.68 9.21
C ALA C 29 -19.18 1.30 8.23
N ALA C 30 -19.42 1.17 6.93
CA ALA C 30 -18.50 1.76 5.96
C ALA C 30 -18.41 3.26 6.16
N LYS C 31 -19.56 3.90 6.40
CA LYS C 31 -19.60 5.33 6.67
C LYS C 31 -18.78 5.68 7.91
N ALA C 32 -18.94 4.89 8.98
CA ALA C 32 -18.17 5.12 10.20
C ALA C 32 -16.68 4.87 10.01
N ARG C 33 -16.30 4.06 9.02
CA ARG C 33 -14.90 3.80 8.76
C ARG C 33 -14.35 4.64 7.60
N PHE C 34 -15.19 5.52 7.03
CA PHE C 34 -14.76 6.53 6.05
C PHE C 34 -14.39 5.92 4.70
N VAL C 35 -15.04 4.83 4.30
CA VAL C 35 -14.71 4.12 3.05
C VAL C 35 -16.02 3.81 2.35
N THR C 36 -15.93 3.43 1.07
CA THR C 36 -17.17 3.09 0.39
C THR C 36 -17.71 1.77 0.93
N GLN C 37 -18.98 1.52 0.65
CA GLN C 37 -19.55 0.26 1.10
C GLN C 37 -18.81 -0.94 0.50
N SER C 38 -18.34 -0.81 -0.74
CA SER C 38 -17.60 -1.89 -1.38
C SER C 38 -16.22 -2.09 -0.76
N ALA C 39 -15.45 -1.01 -0.58
CA ALA C 39 -14.21 -1.11 0.16
C ALA C 39 -14.43 -1.87 1.45
N PHE C 40 -15.48 -1.48 2.20
CA PHE C 40 -15.69 -2.03 3.52
C PHE C 40 -16.06 -3.51 3.46
N SER C 41 -16.93 -3.89 2.51
CA SER C 41 -17.31 -5.28 2.42
C SER C 41 -16.10 -6.13 2.07
N ARG C 42 -15.26 -5.62 1.18
CA ARG C 42 -14.06 -6.36 0.76
C ARG C 42 -13.10 -6.55 1.94
N ARG C 43 -12.99 -5.53 2.81
CA ARG C 43 -12.09 -5.63 3.96
C ARG C 43 -12.55 -6.69 4.96
N ILE C 44 -13.86 -6.68 5.28
CA ILE C 44 -14.45 -7.72 6.13
C ILE C 44 -14.18 -9.09 5.51
N GLN C 45 -14.36 -9.20 4.21
CA GLN C 45 -14.10 -10.49 3.57
C GLN C 45 -12.64 -10.89 3.71
N ALA C 46 -11.72 -9.95 3.47
CA ALA C 46 -10.31 -10.23 3.65
C ALA C 46 -10.00 -10.66 5.09
N LEU C 47 -10.68 -10.07 6.07
CA LEU C 47 -10.50 -10.51 7.45
C LEU C 47 -10.97 -11.95 7.61
N GLU C 48 -12.10 -12.30 7.00
CA GLU C 48 -12.65 -13.64 7.13
C GLU C 48 -11.77 -14.68 6.45
N VAL C 49 -11.25 -14.36 5.27
CA VAL C 49 -10.27 -15.22 4.61
C VAL C 49 -9.09 -15.43 5.55
N TRP C 50 -8.64 -14.38 6.25
CA TRP C 50 -7.43 -14.49 7.06
C TRP C 50 -7.71 -15.33 8.29
N ILE C 51 -8.80 -15.06 8.98
CA ILE C 51 -9.08 -15.86 10.15
C ILE C 51 -9.55 -17.26 9.76
N GLY C 52 -10.01 -17.44 8.52
CA GLY C 52 -10.39 -18.75 8.01
C GLY C 52 -11.85 -19.17 8.17
N VAL C 53 -12.68 -18.44 8.91
CA VAL C 53 -14.12 -18.76 9.01
C VAL C 53 -14.95 -17.49 8.86
N PRO C 54 -16.21 -17.59 8.40
CA PRO C 54 -17.02 -16.37 8.30
C PRO C 54 -17.33 -15.88 9.70
N LEU C 55 -17.27 -14.56 9.88
CA LEU C 55 -17.51 -13.96 11.18
C LEU C 55 -18.91 -13.37 11.31
N PHE C 56 -19.57 -13.13 10.17
CA PHE C 56 -20.86 -12.45 10.08
C PHE C 56 -21.83 -13.29 9.24
N ASP C 57 -23.07 -13.30 9.65
CA ASP C 57 -24.13 -13.92 8.87
C ASP C 57 -24.80 -12.82 8.05
N ARG C 58 -24.73 -12.94 6.73
CA ARG C 58 -25.35 -11.94 5.86
C ARG C 58 -26.80 -12.25 5.54
N THR C 59 -27.32 -13.42 5.92
CA THR C 59 -28.69 -13.78 5.60
C THR C 59 -29.66 -13.45 6.71
N SER C 60 -29.18 -13.15 7.91
CA SER C 60 -30.06 -12.60 8.94
C SER C 60 -30.32 -11.12 8.66
N TYR C 61 -31.20 -10.54 9.47
CA TYR C 61 -31.37 -9.09 9.50
C TYR C 61 -31.42 -8.64 10.96
N PRO C 62 -30.65 -7.61 11.34
CA PRO C 62 -29.57 -7.06 10.54
C PRO C 62 -28.39 -8.04 10.50
N ILE C 63 -27.23 -7.59 10.04
CA ILE C 63 -26.04 -8.44 10.09
C ILE C 63 -25.70 -8.75 11.54
N THR C 64 -25.53 -10.03 11.84
CA THR C 64 -25.16 -10.48 13.17
C THR C 64 -23.85 -11.27 13.12
N LEU C 65 -23.29 -11.49 14.30
CA LEU C 65 -22.10 -12.29 14.41
C LEU C 65 -22.47 -13.76 14.28
N THR C 66 -21.63 -14.48 13.56
CA THR C 66 -21.64 -15.94 13.65
C THR C 66 -21.10 -16.39 15.01
N GLU C 67 -21.18 -17.69 15.23
CA GLU C 67 -20.51 -18.32 16.34
C GLU C 67 -19.04 -17.93 16.38
N HIS C 68 -18.36 -17.95 15.23
CA HIS C 68 -16.95 -17.57 15.21
C HIS C 68 -16.72 -16.09 15.47
N GLY C 69 -17.64 -15.23 15.01
CA GLY C 69 -17.54 -13.80 15.29
C GLY C 69 -17.67 -13.50 16.78
N GLN C 70 -18.55 -14.23 17.47
CA GLN C 70 -18.66 -14.09 18.90
C GLN C 70 -17.32 -14.40 19.57
N LYS C 71 -16.78 -15.59 19.29
CA LYS C 71 -15.49 -15.99 19.84
C LYS C 71 -14.40 -14.95 19.51
N PHE C 72 -14.49 -14.32 18.34
CA PHE C 72 -13.43 -13.42 17.89
C PHE C 72 -13.44 -12.06 18.57
N VAL C 73 -14.55 -11.66 19.15
CA VAL C 73 -14.64 -10.32 19.75
C VAL C 73 -13.48 -10.04 20.69
N PRO C 74 -13.19 -10.87 21.71
CA PRO C 74 -12.05 -10.55 22.60
C PRO C 74 -10.72 -10.57 21.88
N TYR C 75 -10.54 -11.37 20.84
CA TYR C 75 -9.26 -11.34 20.13
C TYR C 75 -9.06 -10.00 19.45
N ALA C 76 -10.13 -9.46 18.83
CA ALA C 76 -10.02 -8.18 18.11
C ALA C 76 -9.68 -7.05 19.06
N GLU C 77 -10.42 -6.93 20.16
CA GLU C 77 -10.11 -5.88 21.12
C GLU C 77 -8.71 -6.05 21.71
N ASN C 78 -8.30 -7.29 21.96
CA ASN C 78 -7.02 -7.52 22.63
C ASN C 78 -5.88 -6.91 21.82
N LEU C 79 -5.81 -7.26 20.54
CA LEU C 79 -4.79 -6.70 19.66
C LEU C 79 -4.94 -5.19 19.56
N LEU C 80 -6.17 -4.72 19.33
CA LEU C 80 -6.34 -3.28 19.12
C LEU C 80 -5.85 -2.50 20.33
N ASN C 81 -6.08 -3.02 21.53
CA ASN C 81 -5.59 -2.36 22.72
C ASN C 81 -4.07 -2.46 22.83
N GLN C 82 -3.46 -3.57 22.38
CA GLN C 82 -2.01 -3.67 22.47
C GLN C 82 -1.36 -2.64 21.56
N VAL C 83 -1.94 -2.39 20.38
CA VAL C 83 -1.37 -1.38 19.49
C VAL C 83 -1.53 0.01 20.10
N LYS C 84 -2.71 0.27 20.67
CA LYS C 84 -2.98 1.57 21.28
C LYS C 84 -2.02 1.84 22.43
N VAL C 85 -1.89 0.89 23.35
CA VAL C 85 -0.99 1.03 24.49
C VAL C 85 0.44 1.22 24.02
N THR C 86 0.84 0.54 22.95
CA THR C 86 2.18 0.72 22.40
C THR C 86 2.35 2.15 21.91
N LYS C 87 1.38 2.63 21.14
CA LYS C 87 1.42 3.99 20.63
C LYS C 87 1.43 5.00 21.77
N GLU C 88 0.61 4.78 22.80
CA GLU C 88 0.52 5.75 23.88
C GLU C 88 1.77 5.73 24.74
N ASP C 89 2.22 4.54 25.15
CA ASP C 89 3.42 4.43 25.97
C ASP C 89 4.64 5.10 25.33
N PHE C 90 4.73 5.11 24.00
CA PHE C 90 5.88 5.74 23.39
C PHE C 90 5.61 7.16 22.96
N ALA C 91 4.36 7.61 23.04
CA ALA C 91 4.08 8.99 22.69
C ALA C 91 4.83 9.95 23.60
N GLN C 92 5.00 9.58 24.87
CA GLN C 92 5.70 10.46 25.79
C GLN C 92 7.21 10.33 25.74
N ALA C 93 7.73 9.25 25.14
CA ALA C 93 9.17 9.08 25.05
C ALA C 93 9.83 10.21 24.26
N SER C 94 9.11 10.84 23.33
CA SER C 94 9.66 11.98 22.59
C SER C 94 9.90 13.17 23.51
N LEU C 95 9.14 13.29 24.59
CA LEU C 95 9.11 14.49 25.41
C LEU C 95 10.02 14.32 26.61
N LYS C 96 11.18 14.97 26.57
CA LYS C 96 12.00 15.07 27.77
C LYS C 96 11.15 15.54 28.95
N THR C 97 10.44 16.67 28.76
CA THR C 97 9.68 17.35 29.79
C THR C 97 8.40 17.91 29.18
N ASP C 98 7.45 18.31 30.02
CA ASP C 98 6.24 18.86 29.39
C ASP C 98 6.41 20.31 28.94
N HIS C 99 7.57 20.92 29.16
CA HIS C 99 7.83 22.27 28.68
C HIS C 99 8.80 22.29 27.50
N THR C 100 9.04 21.15 26.85
CA THR C 100 9.95 21.14 25.71
C THR C 100 9.17 21.11 24.41
N VAL C 101 9.70 21.83 23.43
CA VAL C 101 9.04 22.13 22.18
C VAL C 101 9.88 21.50 21.08
N ARG C 102 9.31 20.51 20.41
CA ARG C 102 10.05 19.71 19.45
C ARG C 102 9.85 20.27 18.05
N ILE C 103 10.95 20.59 17.38
CA ILE C 103 10.93 21.42 16.20
C ILE C 103 11.76 20.74 15.11
N VAL C 104 11.21 20.71 13.91
CA VAL C 104 11.86 20.17 12.71
C VAL C 104 11.84 21.26 11.66
N CYS C 105 12.99 21.53 11.04
CA CYS C 105 13.02 22.50 9.95
C CYS C 105 14.13 22.14 8.97
N LEU C 106 14.08 22.79 7.80
CA LEU C 106 15.23 22.75 6.91
C LEU C 106 16.49 23.15 7.65
N HIS C 107 17.59 22.48 7.29
CA HIS C 107 18.86 22.72 7.98
C HIS C 107 19.18 24.22 8.08
N THR C 108 18.99 24.96 7.00
CA THR C 108 19.39 26.37 7.02
C THR C 108 18.48 27.19 7.91
N LEU C 109 17.23 26.75 8.10
CA LEU C 109 16.35 27.36 9.08
C LEU C 109 16.75 26.95 10.50
N ALA C 110 17.25 25.72 10.67
CA ALA C 110 17.69 25.35 12.00
C ALA C 110 18.90 26.14 12.46
N VAL C 111 19.70 26.68 11.54
CA VAL C 111 20.91 27.39 11.92
C VAL C 111 20.72 28.90 11.88
N ASN C 112 19.95 29.43 10.92
CA ASN C 112 19.79 30.88 10.82
C ASN C 112 18.48 31.37 11.43
N LEU C 113 17.34 30.87 10.97
CA LEU C 113 16.08 31.47 11.37
C LEU C 113 15.73 31.16 12.83
N LEU C 114 15.75 29.88 13.21
CA LEU C 114 15.22 29.51 14.53
C LEU C 114 15.99 30.15 15.68
N PRO C 115 17.33 30.15 15.71
CA PRO C 115 18.02 30.84 16.82
C PRO C 115 17.74 32.32 16.87
N LYS C 116 17.72 32.98 15.72
CA LYS C 116 17.37 34.38 15.65
C LYS C 116 15.99 34.62 16.25
N LEU C 117 15.06 33.69 16.06
CA LEU C 117 13.70 33.87 16.59
C LEU C 117 13.67 33.73 18.09
N PHE C 118 14.26 32.65 18.62
CA PHE C 118 14.31 32.49 20.07
C PHE C 118 15.06 33.64 20.72
N LEU C 119 16.21 34.01 20.14
CA LEU C 119 17.02 35.04 20.79
C LEU C 119 16.25 36.36 20.89
N GLN C 120 15.50 36.70 19.85
CA GLN C 120 14.70 37.92 19.86
C GLN C 120 13.55 37.84 20.86
N SER C 121 13.04 36.65 21.12
CA SER C 121 11.94 36.46 22.06
C SER C 121 12.41 35.78 23.35
N ALA C 122 13.68 35.99 23.71
CA ALA C 122 14.31 35.12 24.70
C ALA C 122 13.59 35.18 26.05
N GLU C 123 13.18 36.38 26.47
CA GLU C 123 12.47 36.53 27.72
C GLU C 123 11.12 35.82 27.68
N ALA C 124 10.34 36.04 26.62
CA ALA C 124 9.03 35.42 26.49
C ALA C 124 9.10 33.92 26.27
N LEU C 125 10.29 33.35 26.06
CA LEU C 125 10.45 31.91 25.84
C LEU C 125 11.38 31.27 26.86
N SER C 126 11.81 32.04 27.87
CA SER C 126 12.85 31.61 28.80
C SER C 126 12.51 30.34 29.57
N HIS C 127 11.23 30.00 29.67
CA HIS C 127 10.81 28.82 30.37
C HIS C 127 10.75 27.58 29.48
N LEU C 128 11.05 27.74 28.19
CA LEU C 128 10.89 26.68 27.19
C LEU C 128 12.24 26.11 26.81
N ASN C 129 12.27 24.79 26.65
CA ASN C 129 13.44 24.04 26.16
C ASN C 129 13.13 23.65 24.72
N LEU C 130 13.70 24.39 23.77
CA LEU C 130 13.59 24.06 22.35
C LEU C 130 14.51 22.91 21.99
N SER C 131 14.01 21.99 21.17
CA SER C 131 14.76 20.86 20.63
C SER C 131 14.63 20.94 19.12
N VAL C 132 15.73 21.24 18.42
CA VAL C 132 15.69 21.59 17.00
C VAL C 132 16.47 20.58 16.20
N THR C 133 15.80 19.90 15.29
CA THR C 133 16.48 18.99 14.39
C THR C 133 16.15 19.34 12.94
N PRO C 134 17.07 19.07 12.03
CA PRO C 134 16.80 19.37 10.63
C PRO C 134 15.90 18.33 9.98
N SER C 135 15.32 18.73 8.88
CA SER C 135 14.47 17.84 8.08
C SER C 135 15.38 16.84 7.36
N VAL C 136 15.15 15.54 7.61
CA VAL C 136 16.03 14.51 7.04
C VAL C 136 15.27 13.23 6.68
N LEU C 137 14.03 13.09 7.16
CA LEU C 137 13.30 11.83 7.00
C LEU C 137 12.40 11.78 5.77
N GLY C 138 12.24 12.90 5.05
CA GLY C 138 11.32 12.97 3.94
C GLY C 138 10.12 13.79 4.34
N ILE C 139 9.55 14.58 3.41
CA ILE C 139 8.57 15.57 3.83
C ILE C 139 7.32 14.88 4.39
N ASP C 140 6.89 13.77 3.78
CA ASP C 140 5.70 13.07 4.28
C ASP C 140 5.94 12.47 5.66
N ALA C 141 7.12 11.87 5.87
CA ALA C 141 7.44 11.32 7.19
C ALA C 141 7.34 12.39 8.26
N HIS C 142 7.92 13.57 8.03
CA HIS C 142 7.89 14.61 9.06
C HIS C 142 6.46 15.09 9.30
N PHE C 143 5.65 15.24 8.24
CA PHE C 143 4.27 15.69 8.45
C PHE C 143 3.45 14.66 9.22
N GLN C 144 3.73 13.39 9.00
CA GLN C 144 3.05 12.35 9.76
C GLN C 144 3.40 12.47 11.24
N MET C 145 4.67 12.76 11.54
CA MET C 145 5.10 12.97 12.93
C MET C 145 4.40 14.19 13.52
N LEU C 146 4.24 15.24 12.72
CA LEU C 146 3.52 16.43 13.18
C LEU C 146 2.09 16.07 13.55
N GLU C 147 1.42 15.31 12.67
CA GLU C 147 0.03 14.93 12.91
C GLU C 147 -0.08 13.97 14.09
N ASP C 148 0.90 13.07 14.25
CA ASP C 148 0.93 12.19 15.42
C ASP C 148 1.33 12.90 16.70
N HIS C 149 1.82 14.15 16.62
CA HIS C 149 2.34 14.91 17.76
C HIS C 149 3.60 14.30 18.38
N SER C 150 4.38 13.53 17.61
CA SER C 150 5.73 13.29 18.06
C SER C 150 6.67 14.44 17.68
N THR C 151 6.15 15.43 16.96
CA THR C 151 6.85 16.67 16.60
C THR C 151 5.83 17.78 16.77
N ASP C 152 6.26 18.94 17.29
CA ASP C 152 5.34 20.01 17.65
C ASP C 152 5.19 21.08 16.57
N LEU C 153 6.29 21.59 16.00
CA LEU C 153 6.22 22.48 14.84
C LEU C 153 7.12 21.97 13.72
N LEU C 154 6.80 22.39 12.48
CA LEU C 154 7.58 22.07 11.29
C LEU C 154 7.75 23.33 10.45
N PHE C 155 9.00 23.76 10.24
CA PHE C 155 9.29 24.95 9.43
C PHE C 155 9.73 24.50 8.03
N THR C 156 9.05 25.01 7.00
CA THR C 156 9.28 24.59 5.62
C THR C 156 9.32 25.82 4.73
N TYR C 157 9.66 25.61 3.47
CA TYR C 157 9.34 26.57 2.43
C TYR C 157 7.97 26.23 1.84
N ASN C 158 7.36 27.20 1.17
CA ASN C 158 6.06 26.95 0.53
C ASN C 158 6.23 26.45 -0.89
N ILE C 159 7.18 25.57 -1.12
CA ILE C 159 7.33 24.93 -2.41
C ILE C 159 6.27 23.84 -2.57
N SER C 160 6.01 23.46 -3.82
CA SER C 160 5.10 22.34 -4.09
C SER C 160 5.60 21.08 -3.40
N ALA C 161 6.90 20.79 -3.53
CA ALA C 161 7.44 19.51 -3.04
C ALA C 161 7.39 19.38 -1.53
N MET C 162 7.21 20.48 -0.79
CA MET C 162 7.18 20.45 0.66
C MET C 162 5.79 20.68 1.21
N ARG C 163 4.78 20.66 0.34
CA ARG C 163 3.39 20.73 0.77
C ARG C 163 3.03 19.45 1.52
N PRO C 164 2.14 19.55 2.51
CA PRO C 164 1.63 18.32 3.14
C PRO C 164 0.68 17.61 2.18
N SER C 165 0.69 16.27 2.23
CA SER C 165 -0.15 15.51 1.32
C SER C 165 -1.61 15.96 1.45
N LEU C 166 -2.37 15.81 0.37
CA LEU C 166 -3.71 16.40 0.31
C LEU C 166 -4.63 15.85 1.39
N SER C 167 -4.52 14.56 1.71
CA SER C 167 -5.32 13.98 2.77
C SER C 167 -5.02 14.60 4.14
N LEU C 168 -3.90 15.30 4.30
CA LEU C 168 -3.48 15.79 5.60
C LEU C 168 -3.80 17.26 5.85
N GLU C 169 -4.11 18.03 4.80
CA GLU C 169 -4.23 19.48 4.92
C GLU C 169 -5.19 19.90 6.02
N ASP C 170 -6.36 19.26 6.06
CA ASP C 170 -7.43 19.63 6.98
C ASP C 170 -6.97 19.61 8.44
N LYS C 171 -5.94 18.81 8.76
CA LYS C 171 -5.54 18.59 10.14
C LYS C 171 -4.46 19.56 10.61
N LEU C 172 -3.97 20.44 9.74
CA LEU C 172 -2.81 21.27 10.05
C LEU C 172 -3.15 22.74 9.89
N GLU C 173 -2.52 23.56 10.73
CA GLU C 173 -2.56 25.00 10.63
C GLU C 173 -1.18 25.48 10.19
N LYS C 174 -1.13 26.53 9.38
CA LYS C 174 0.13 27.09 8.95
C LYS C 174 0.08 28.61 9.01
N CYS C 175 1.22 29.20 9.34
CA CYS C 175 1.41 30.63 9.31
C CYS C 175 2.71 30.94 8.57
N VAL C 176 2.78 32.17 8.05
CA VAL C 176 3.93 32.65 7.30
C VAL C 176 4.88 33.34 8.26
N ILE C 177 6.16 32.98 8.21
CA ILE C 177 7.18 33.58 9.09
C ILE C 177 7.83 34.79 8.44
N HIS C 178 8.20 34.70 7.17
CA HIS C 178 8.51 35.88 6.35
C HIS C 178 8.73 35.43 4.92
N SER C 179 8.93 36.44 4.05
CA SER C 179 9.12 36.29 2.62
C SER C 179 10.61 36.38 2.30
N GLU C 180 10.99 35.84 1.16
CA GLU C 180 12.41 35.82 0.82
C GLU C 180 12.58 35.61 -0.68
N LYS C 181 13.82 35.82 -1.13
CA LYS C 181 14.26 35.50 -2.47
C LYS C 181 15.43 34.52 -2.40
N VAL C 182 15.44 33.56 -3.31
CA VAL C 182 16.62 32.75 -3.59
C VAL C 182 17.38 33.40 -4.74
N VAL C 183 18.60 33.85 -4.47
CA VAL C 183 19.33 34.71 -5.38
C VAL C 183 20.66 34.03 -5.71
N PRO C 184 21.26 34.37 -6.86
CA PRO C 184 22.60 33.85 -7.18
C PRO C 184 23.69 34.74 -6.61
N VAL C 185 24.74 34.12 -6.08
CA VAL C 185 25.80 34.87 -5.43
C VAL C 185 27.17 34.33 -5.82
N VAL C 186 28.15 35.24 -5.88
CA VAL C 186 29.55 34.89 -6.09
C VAL C 186 30.41 35.77 -5.19
N ALA C 187 31.67 35.38 -5.07
CA ALA C 187 32.62 36.28 -4.45
C ALA C 187 32.91 37.43 -5.43
N PRO C 188 33.44 38.57 -4.92
CA PRO C 188 33.76 39.72 -5.78
C PRO C 188 34.30 39.44 -7.19
N ARG C 189 35.30 38.58 -7.31
CA ARG C 189 35.86 38.21 -8.60
C ARG C 189 34.79 37.60 -9.52
N LEU C 190 34.43 38.30 -10.60
CA LEU C 190 33.37 37.82 -11.48
C LEU C 190 33.71 38.08 -12.95
N LEU C 191 33.38 37.10 -13.79
CA LEU C 191 33.55 37.17 -15.23
C LEU C 191 32.27 37.65 -15.91
N THR C 199 32.47 30.91 -19.33
CA THR C 199 32.00 29.75 -18.57
C THR C 199 32.26 29.94 -17.06
N ILE C 200 31.37 29.44 -16.22
CA ILE C 200 31.39 29.76 -14.80
C ILE C 200 31.19 28.50 -13.97
N PRO C 201 32.02 28.29 -12.94
CA PRO C 201 31.82 27.14 -12.05
C PRO C 201 30.48 27.21 -11.33
N TYR C 202 29.71 26.13 -11.45
CA TYR C 202 28.37 26.05 -10.88
C TYR C 202 28.40 25.22 -9.60
N LEU C 203 27.74 25.75 -8.55
CA LEU C 203 27.64 25.11 -7.24
C LEU C 203 26.16 24.85 -6.97
N SER C 204 25.76 23.58 -7.01
CA SER C 204 24.36 23.26 -7.20
C SER C 204 23.77 22.40 -6.08
N TYR C 205 22.44 22.40 -6.05
CA TYR C 205 21.71 21.46 -5.21
C TYR C 205 21.62 20.10 -5.89
N SER C 206 21.85 19.05 -5.12
CA SER C 206 21.65 17.69 -5.61
C SER C 206 20.23 17.55 -6.14
N GLU C 207 20.10 16.79 -7.23
CA GLU C 207 18.85 16.76 -7.97
C GLU C 207 17.68 16.26 -7.13
N HIS C 208 17.94 15.51 -6.07
CA HIS C 208 16.81 14.97 -5.32
C HIS C 208 16.13 16.02 -4.45
N THR C 209 16.89 16.94 -3.86
CA THR C 209 16.37 17.74 -2.75
C THR C 209 15.45 18.86 -3.23
N PHE C 210 14.78 19.50 -2.25
CA PHE C 210 13.65 20.38 -2.56
C PHE C 210 14.08 21.60 -3.36
N LEU C 211 15.23 22.17 -3.03
CA LEU C 211 15.64 23.42 -3.67
C LEU C 211 16.08 23.21 -5.11
N SER C 212 16.46 21.99 -5.49
CA SER C 212 16.85 21.75 -6.87
C SER C 212 15.70 22.05 -7.82
N LYS C 213 14.48 21.69 -7.42
CA LYS C 213 13.33 21.86 -8.29
C LYS C 213 12.94 23.33 -8.43
N VAL C 214 13.19 24.14 -7.40
CA VAL C 214 12.92 25.57 -7.50
C VAL C 214 13.88 26.23 -8.48
N VAL C 215 15.15 25.84 -8.45
CA VAL C 215 16.20 26.59 -9.16
C VAL C 215 16.37 26.12 -10.60
N GLU C 216 16.35 24.80 -10.84
CA GLU C 216 16.75 24.28 -12.14
C GLU C 216 15.94 24.83 -13.32
N PRO C 217 14.62 24.98 -13.26
CA PRO C 217 13.91 25.61 -14.40
C PRO C 217 14.41 27.01 -14.73
N VAL C 218 14.68 27.82 -13.70
CA VAL C 218 15.21 29.17 -13.90
C VAL C 218 16.50 29.14 -14.73
N LEU C 219 17.26 28.04 -14.68
CA LEU C 219 18.63 28.03 -15.16
C LEU C 219 18.78 27.94 -16.68
N LYS C 220 17.78 27.43 -17.41
CA LYS C 220 17.95 27.40 -18.86
C LYS C 220 17.70 28.78 -19.47
N THR C 221 16.91 29.62 -18.79
CA THR C 221 16.83 31.04 -19.15
C THR C 221 18.19 31.71 -19.08
N LEU C 222 19.09 31.19 -18.25
CA LEU C 222 20.40 31.78 -18.09
C LEU C 222 21.14 31.76 -19.41
N PRO C 223 21.94 32.80 -19.71
CA PRO C 223 22.75 32.80 -20.94
C PRO C 223 24.11 32.16 -20.78
N LEU C 224 24.57 31.92 -19.56
CA LEU C 224 25.90 31.40 -19.34
C LEU C 224 25.89 29.89 -19.32
N THR C 225 26.97 29.32 -19.81
CA THR C 225 27.26 27.91 -19.60
C THR C 225 27.77 27.72 -18.17
N LEU C 226 27.26 26.69 -17.49
CA LEU C 226 27.54 26.46 -16.07
C LEU C 226 28.38 25.19 -15.90
N LYS C 227 29.56 25.34 -15.31
CA LYS C 227 30.49 24.24 -15.11
C LYS C 227 30.30 23.65 -13.72
N PRO C 228 29.54 22.56 -13.58
CA PRO C 228 29.25 22.02 -12.25
C PRO C 228 30.52 21.42 -11.64
N VAL C 229 30.85 21.87 -10.44
CA VAL C 229 32.08 21.42 -9.79
C VAL C 229 31.78 21.01 -8.36
N PHE C 230 30.57 21.31 -7.89
CA PHE C 230 30.19 20.96 -6.53
C PHE C 230 28.67 20.91 -6.44
N GLU C 231 28.16 19.82 -5.84
CA GLU C 231 26.76 19.70 -5.53
C GLU C 231 26.61 19.10 -4.14
N THR C 232 25.66 19.64 -3.39
CA THR C 232 25.28 19.12 -2.08
C THR C 232 23.80 19.39 -1.91
N THR C 233 23.27 19.08 -0.72
CA THR C 233 21.88 19.36 -0.42
C THR C 233 21.68 20.57 0.47
N LEU C 234 22.74 21.08 1.08
CA LEU C 234 22.57 22.11 2.09
C LEU C 234 23.04 23.46 1.61
N SER C 235 22.14 24.45 1.69
CA SER C 235 22.47 25.80 1.27
C SER C 235 23.70 26.32 1.99
N GLU C 236 23.84 26.00 3.28
CA GLU C 236 24.99 26.51 4.02
C GLU C 236 26.30 26.00 3.43
N SER C 237 26.28 24.81 2.82
CA SER C 237 27.49 24.29 2.19
C SER C 237 27.82 25.07 0.94
N LEU C 238 26.82 25.34 0.09
CA LEU C 238 27.05 26.16 -1.09
C LEU C 238 27.58 27.55 -0.71
N VAL C 239 27.09 28.11 0.40
CA VAL C 239 27.50 29.46 0.83
C VAL C 239 28.98 29.48 1.17
N LYS C 240 29.46 28.42 1.81
CA LYS C 240 30.87 28.39 2.16
C LYS C 240 31.74 28.38 0.92
N MET C 241 31.32 27.65 -0.12
CA MET C 241 32.10 27.58 -1.35
C MET C 241 32.03 28.89 -2.14
N ALA C 242 30.83 29.48 -2.23
CA ALA C 242 30.71 30.78 -2.88
C ALA C 242 31.61 31.81 -2.21
N ILE C 243 31.66 31.80 -0.88
CA ILE C 243 32.56 32.71 -0.19
C ILE C 243 34.00 32.46 -0.62
N GLY C 244 34.40 31.19 -0.65
CA GLY C 244 35.77 30.82 -0.96
C GLY C 244 36.19 31.02 -2.39
N GLY C 245 35.28 31.53 -3.23
CA GLY C 245 35.63 31.82 -4.61
C GLY C 245 35.51 30.65 -5.55
N ALA C 246 34.54 29.77 -5.32
CA ALA C 246 34.48 28.51 -6.04
C ALA C 246 33.43 28.49 -7.15
N GLY C 247 32.54 29.46 -7.21
CA GLY C 247 31.51 29.45 -8.23
C GLY C 247 30.29 30.25 -7.84
N VAL C 248 29.26 30.12 -8.66
CA VAL C 248 27.98 30.77 -8.39
C VAL C 248 27.05 29.75 -7.77
N ALA C 249 26.34 30.16 -6.73
CA ALA C 249 25.33 29.33 -6.10
C ALA C 249 24.07 30.15 -5.89
N TRP C 250 22.94 29.45 -5.85
CA TRP C 250 21.66 30.06 -5.51
C TRP C 250 21.37 29.77 -4.04
N VAL C 251 21.15 30.83 -3.27
CA VAL C 251 21.01 30.69 -1.83
C VAL C 251 19.94 31.65 -1.34
N PRO C 252 19.28 31.30 -0.25
CA PRO C 252 18.29 32.21 0.33
C PRO C 252 18.96 33.42 0.96
N MET C 253 18.31 34.60 0.84
CA MET C 253 18.94 35.84 1.28
C MET C 253 19.27 35.82 2.77
N HIS C 254 18.37 35.29 3.58
CA HIS C 254 18.53 35.36 5.03
C HIS C 254 19.42 34.21 5.47
N VAL C 255 20.31 33.80 4.58
CA VAL C 255 21.48 32.99 4.89
C VAL C 255 22.76 33.80 4.77
N ILE C 256 22.73 34.94 4.09
CA ILE C 256 23.93 35.63 3.65
C ILE C 256 23.86 37.11 4.01
N GLU C 257 23.10 37.42 5.06
CA GLU C 257 22.88 38.82 5.42
C GLU C 257 24.20 39.53 5.69
N GLU C 258 24.93 39.10 6.73
CA GLU C 258 26.19 39.76 7.06
C GLU C 258 27.20 39.58 5.93
N GLU C 259 27.19 38.41 5.28
CA GLU C 259 28.12 38.19 4.18
C GLU C 259 27.92 39.20 3.06
N LEU C 260 26.66 39.57 2.81
CA LEU C 260 26.43 40.59 1.79
C LEU C 260 26.87 41.96 2.29
N ALA C 261 26.77 42.17 3.61
CA ALA C 261 27.24 43.42 4.20
C ALA C 261 28.76 43.49 4.19
N GLN C 262 29.43 42.44 4.69
CA GLN C 262 30.89 42.39 4.65
C GLN C 262 31.43 42.34 3.23
N HIS C 263 30.57 42.22 2.22
CA HIS C 263 30.94 42.14 0.81
C HIS C 263 31.81 40.93 0.51
N ARG C 264 31.75 39.89 1.34
CA ARG C 264 32.38 38.63 0.96
C ARG C 264 31.57 37.88 -0.08
N LEU C 265 30.29 38.21 -0.22
CA LEU C 265 29.49 37.79 -1.36
C LEU C 265 28.75 38.98 -1.94
N VAL C 266 28.30 38.82 -3.17
CA VAL C 266 27.51 39.84 -3.86
C VAL C 266 26.57 39.12 -4.82
N ILE C 267 25.41 39.73 -5.06
CA ILE C 267 24.39 39.16 -5.94
C ILE C 267 24.83 39.31 -7.40
N ALA C 268 24.73 38.22 -8.15
CA ALA C 268 25.09 38.23 -9.56
C ALA C 268 23.93 38.76 -10.40
N PHE C 269 24.28 39.53 -11.43
CA PHE C 269 23.30 40.19 -12.31
C PHE C 269 22.20 40.79 -11.47
N GLU C 270 22.64 41.62 -10.51
CA GLU C 270 21.80 41.97 -9.36
C GLU C 270 20.44 42.48 -9.80
N GLU C 271 20.39 43.31 -10.85
CA GLU C 271 19.17 43.91 -11.33
C GLU C 271 18.48 43.10 -12.42
N GLN C 272 18.62 41.78 -12.37
CA GLN C 272 17.87 40.93 -13.29
C GLN C 272 16.98 40.01 -12.45
N LYS C 273 16.04 40.63 -11.73
CA LYS C 273 15.26 40.01 -10.67
C LYS C 273 14.60 38.70 -11.06
N GLU C 274 14.61 38.34 -12.34
CA GLU C 274 13.96 37.11 -12.75
C GLU C 274 14.91 35.93 -12.80
N TRP C 275 16.14 36.10 -12.33
CA TRP C 275 16.98 34.97 -11.94
C TRP C 275 16.94 34.76 -10.43
N GLN C 276 15.94 35.33 -9.77
CA GLN C 276 15.68 35.15 -8.36
C GLN C 276 14.35 34.44 -8.23
N ILE C 277 14.16 33.72 -7.12
CA ILE C 277 12.96 32.96 -6.88
C ILE C 277 12.38 33.41 -5.54
N PRO C 278 11.20 34.03 -5.53
CA PRO C 278 10.56 34.35 -4.24
C PRO C 278 10.03 33.09 -3.57
N ILE C 279 10.18 33.03 -2.24
CA ILE C 279 9.70 31.90 -1.47
C ILE C 279 9.23 32.41 -0.12
N ASP C 280 8.31 31.67 0.48
CA ASP C 280 7.81 31.99 1.81
C ASP C 280 8.26 30.93 2.81
N ILE C 281 8.70 31.37 3.98
CA ILE C 281 9.01 30.46 5.09
C ILE C 281 7.71 30.18 5.85
N LEU C 282 7.33 28.91 5.95
CA LEU C 282 6.11 28.49 6.62
C LEU C 282 6.41 27.77 7.93
N CYS C 283 5.48 27.89 8.88
CA CYS C 283 5.50 27.11 10.12
C CYS C 283 4.18 26.38 10.27
N TYR C 284 4.25 25.06 10.47
CA TYR C 284 3.08 24.19 10.58
C TYR C 284 2.93 23.66 12.00
N ARG C 285 1.68 23.49 12.44
CA ARG C 285 1.39 22.74 13.65
C ARG C 285 0.12 21.93 13.45
N SER C 286 -0.04 20.91 14.29
CA SER C 286 -1.28 20.14 14.31
C SER C 286 -2.36 20.93 15.03
N THR C 287 -3.56 20.98 14.45
CA THR C 287 -4.64 21.71 15.11
C THR C 287 -5.03 21.06 16.43
N THR C 288 -4.78 19.77 16.59
CA THR C 288 -5.14 19.08 17.81
C THR C 288 -4.04 19.08 18.86
N ASN C 289 -2.88 19.65 18.56
CA ASN C 289 -1.77 19.68 19.51
C ASN C 289 -1.95 20.92 20.37
N HIS C 290 -2.50 20.72 21.57
CA HIS C 290 -2.84 21.82 22.46
C HIS C 290 -1.86 21.99 23.60
N ARG C 291 -0.72 21.29 23.57
CA ARG C 291 0.28 21.44 24.61
C ARG C 291 0.57 22.93 24.81
N ALA C 292 0.50 23.36 26.07
CA ALA C 292 0.66 24.77 26.37
C ALA C 292 2.01 25.30 25.88
N ALA C 293 3.10 24.58 26.17
CA ALA C 293 4.43 25.02 25.76
C ALA C 293 4.49 25.30 24.27
N VAL C 294 3.78 24.50 23.47
CA VAL C 294 3.73 24.71 22.03
C VAL C 294 2.89 25.92 21.70
N ASP C 295 1.84 26.16 22.47
CA ASP C 295 0.98 27.29 22.24
C ASP C 295 1.68 28.59 22.57
N GLN C 296 2.44 28.62 23.67
CA GLN C 296 3.17 29.82 24.00
C GLN C 296 4.22 30.14 22.94
N PHE C 297 4.83 29.12 22.35
CA PHE C 297 5.79 29.36 21.28
C PHE C 297 5.09 29.89 20.04
N TRP C 298 3.98 29.25 19.64
CA TRP C 298 3.30 29.66 18.41
C TRP C 298 2.79 31.09 18.51
N GLN C 299 2.35 31.50 19.69
CA GLN C 299 1.85 32.85 19.85
C GLN C 299 2.94 33.88 19.55
N GLU C 300 4.20 33.52 19.80
CA GLU C 300 5.28 34.49 19.69
C GLU C 300 5.73 34.72 18.26
N ILE C 301 5.85 33.64 17.47
CA ILE C 301 6.38 33.76 16.11
C ILE C 301 5.30 34.06 15.07
N ASP C 302 4.03 34.01 15.44
CA ASP C 302 2.94 34.28 14.53
C ASP C 302 2.47 35.73 14.62
N ASN D 7 -9.53 -2.06 -19.80
CA ASN D 7 -8.87 -0.79 -20.11
C ASN D 7 -7.80 -0.44 -19.04
N PRO D 8 -6.68 0.17 -19.48
CA PRO D 8 -5.56 0.40 -18.55
C PRO D 8 -5.70 1.67 -17.72
N LEU D 9 -5.58 1.57 -16.40
CA LEU D 9 -5.37 2.78 -15.63
C LEU D 9 -4.03 3.40 -16.02
N GLU D 10 -4.00 4.71 -16.14
CA GLU D 10 -2.77 5.40 -16.51
C GLU D 10 -2.18 6.07 -15.28
N PHE D 11 -0.90 5.81 -15.05
CA PHE D 11 -0.26 6.23 -13.82
C PHE D 11 -0.38 7.75 -13.63
N LYS D 12 -0.20 8.53 -14.71
CA LYS D 12 -0.12 9.96 -14.47
C LYS D 12 -1.48 10.61 -14.17
N TRP D 13 -2.60 9.90 -14.40
CA TRP D 13 -3.92 10.35 -13.90
C TRP D 13 -3.88 10.64 -12.40
N LEU D 14 -3.11 9.87 -11.66
CA LEU D 14 -3.09 10.02 -10.21
C LEU D 14 -2.53 11.37 -9.80
N GLU D 15 -1.34 11.70 -10.28
CA GLU D 15 -0.81 13.03 -9.98
C GLU D 15 -1.66 14.10 -10.64
N ASP D 16 -2.20 13.82 -11.84
CA ASP D 16 -3.18 14.73 -12.44
C ASP D 16 -4.28 15.02 -11.43
N PHE D 17 -4.84 13.95 -10.85
CA PHE D 17 -5.90 14.10 -9.88
C PHE D 17 -5.45 14.93 -8.68
N LEU D 18 -4.37 14.52 -8.01
CA LEU D 18 -3.86 15.27 -6.87
C LEU D 18 -3.64 16.75 -7.24
N SER D 19 -3.01 16.99 -8.38
CA SER D 19 -2.66 18.37 -8.74
C SER D 19 -3.90 19.23 -8.93
N LEU D 20 -4.98 18.68 -9.50
CA LEU D 20 -6.17 19.52 -9.64
C LEU D 20 -6.93 19.63 -8.32
N MET D 21 -6.77 18.67 -7.41
CA MET D 21 -7.41 18.80 -6.11
C MET D 21 -6.80 19.95 -5.30
N GLU D 22 -5.47 20.13 -5.38
CA GLU D 22 -4.82 21.19 -4.62
C GLU D 22 -5.07 22.57 -5.25
N LEU D 23 -4.45 22.86 -6.40
CA LEU D 23 -4.81 24.06 -7.12
C LEU D 23 -6.30 24.04 -7.42
N GLY D 24 -6.92 25.19 -7.45
CA GLY D 24 -8.35 25.05 -7.61
C GLY D 24 -8.88 24.92 -9.03
N ASN D 25 -8.01 24.81 -10.04
CA ASN D 25 -8.48 25.06 -11.39
C ASN D 25 -7.65 24.31 -12.41
N PHE D 26 -8.24 24.14 -13.60
CA PHE D 26 -7.62 23.32 -14.63
C PHE D 26 -6.36 23.96 -15.17
N SER D 27 -6.39 25.27 -15.41
CA SER D 27 -5.25 25.94 -16.02
C SER D 27 -4.01 25.80 -15.15
N ALA D 28 -4.13 26.10 -13.85
CA ALA D 28 -2.98 25.96 -12.96
C ALA D 28 -2.55 24.51 -12.84
N ALA D 29 -3.52 23.60 -12.71
CA ALA D 29 -3.19 22.18 -12.62
C ALA D 29 -2.48 21.69 -13.88
N ALA D 30 -2.89 22.18 -15.05
CA ALA D 30 -2.24 21.74 -16.29
C ALA D 30 -0.81 22.25 -16.38
N LYS D 31 -0.56 23.48 -15.92
CA LYS D 31 0.82 23.98 -15.89
C LYS D 31 1.65 23.19 -14.90
N ALA D 32 1.13 23.00 -13.68
CA ALA D 32 1.85 22.20 -12.70
C ALA D 32 2.26 20.83 -13.24
N ARG D 33 1.48 20.26 -14.18
CA ARG D 33 1.79 18.97 -14.77
C ARG D 33 2.47 19.08 -16.14
N PHE D 34 2.82 20.29 -16.58
CA PHE D 34 3.63 20.51 -17.78
C PHE D 34 2.99 19.91 -19.04
N VAL D 35 1.68 20.10 -19.20
CA VAL D 35 0.96 19.70 -20.41
C VAL D 35 0.00 20.83 -20.79
N THR D 36 -0.58 20.74 -22.00
CA THR D 36 -1.56 21.73 -22.42
C THR D 36 -2.75 21.74 -21.47
N GLN D 37 -3.37 22.91 -21.32
CA GLN D 37 -4.69 23.00 -20.70
C GLN D 37 -5.62 21.96 -21.29
N SER D 38 -5.51 21.76 -22.60
CA SER D 38 -6.16 20.73 -23.38
C SER D 38 -5.92 19.34 -22.80
N ALA D 39 -4.69 18.83 -22.98
CA ALA D 39 -4.40 17.45 -22.63
C ALA D 39 -4.74 17.17 -21.17
N PHE D 40 -4.59 18.15 -20.28
CA PHE D 40 -4.97 17.93 -18.90
C PHE D 40 -6.43 17.56 -18.78
N SER D 41 -7.31 18.35 -19.42
CA SER D 41 -8.75 18.08 -19.44
C SER D 41 -9.03 16.67 -19.92
N ARG D 42 -8.38 16.27 -21.00
CA ARG D 42 -8.61 14.94 -21.56
C ARG D 42 -8.13 13.86 -20.59
N ARG D 43 -7.08 14.14 -19.82
CA ARG D 43 -6.61 13.13 -18.89
C ARG D 43 -7.61 12.99 -17.74
N ILE D 44 -8.04 14.11 -17.19
CA ILE D 44 -9.02 14.10 -16.09
C ILE D 44 -10.29 13.38 -16.53
N GLN D 45 -10.70 13.58 -17.77
CA GLN D 45 -11.92 12.95 -18.26
C GLN D 45 -11.72 11.45 -18.41
N ALA D 46 -10.57 11.03 -18.96
CA ALA D 46 -10.28 9.59 -19.04
C ALA D 46 -10.25 8.95 -17.65
N LEU D 47 -9.68 9.64 -16.67
CA LEU D 47 -9.68 9.11 -15.30
C LEU D 47 -11.10 8.96 -14.78
N GLU D 48 -11.99 9.90 -15.11
CA GLU D 48 -13.35 9.79 -14.60
C GLU D 48 -14.11 8.69 -15.33
N VAL D 49 -13.95 8.59 -16.66
CA VAL D 49 -14.51 7.47 -17.43
C VAL D 49 -14.05 6.15 -16.85
N TRP D 50 -12.75 6.02 -16.61
CA TRP D 50 -12.20 4.78 -16.10
C TRP D 50 -12.79 4.39 -14.74
N ILE D 51 -12.75 5.31 -13.77
CA ILE D 51 -13.26 5.00 -12.44
C ILE D 51 -14.78 4.83 -12.42
N GLY D 52 -15.51 5.38 -13.39
CA GLY D 52 -16.96 5.20 -13.50
C GLY D 52 -17.84 6.26 -12.87
N VAL D 53 -17.27 7.17 -12.08
CA VAL D 53 -18.06 8.20 -11.38
C VAL D 53 -17.32 9.52 -11.45
N PRO D 54 -18.04 10.64 -11.33
CA PRO D 54 -17.35 11.94 -11.35
C PRO D 54 -16.55 12.13 -10.07
N LEU D 55 -15.29 12.50 -10.22
CA LEU D 55 -14.48 12.80 -9.04
C LEU D 55 -14.57 14.26 -8.66
N PHE D 56 -14.71 15.15 -9.64
CA PHE D 56 -14.72 16.58 -9.41
C PHE D 56 -16.11 17.12 -9.68
N ASP D 57 -16.59 17.94 -8.75
CA ASP D 57 -17.72 18.82 -9.02
C ASP D 57 -17.16 19.99 -9.81
N ARG D 58 -17.40 20.01 -11.12
CA ARG D 58 -16.77 21.06 -11.92
C ARG D 58 -17.55 22.36 -11.94
N THR D 59 -18.79 22.37 -11.47
CA THR D 59 -19.59 23.59 -11.46
C THR D 59 -19.40 24.43 -10.21
N SER D 60 -18.46 24.06 -9.34
CA SER D 60 -18.12 24.85 -8.17
C SER D 60 -16.82 25.62 -8.39
N TYR D 61 -16.77 26.84 -7.87
CA TYR D 61 -15.64 27.74 -8.07
C TYR D 61 -15.16 28.19 -6.70
N PRO D 62 -13.96 27.77 -6.25
CA PRO D 62 -13.04 26.81 -6.88
C PRO D 62 -13.63 25.39 -7.02
N ILE D 63 -12.94 24.55 -7.78
CA ILE D 63 -13.43 23.22 -8.07
C ILE D 63 -13.23 22.37 -6.83
N THR D 64 -14.26 21.62 -6.44
CA THR D 64 -14.21 20.79 -5.26
C THR D 64 -14.31 19.34 -5.68
N LEU D 65 -14.03 18.44 -4.74
CA LEU D 65 -14.22 17.01 -4.99
C LEU D 65 -15.67 16.63 -4.72
N THR D 66 -16.16 15.62 -5.44
CA THR D 66 -17.43 15.00 -5.12
C THR D 66 -17.26 14.09 -3.89
N GLU D 67 -18.35 13.51 -3.41
CA GLU D 67 -18.21 12.48 -2.37
C GLU D 67 -17.25 11.39 -2.81
N HIS D 68 -17.37 10.95 -4.07
CA HIS D 68 -16.48 9.93 -4.63
C HIS D 68 -15.03 10.41 -4.66
N GLY D 69 -14.80 11.65 -5.14
CA GLY D 69 -13.43 12.16 -5.18
C GLY D 69 -12.82 12.17 -3.80
N GLN D 70 -13.62 12.43 -2.77
CA GLN D 70 -13.09 12.44 -1.42
C GLN D 70 -12.69 11.05 -0.99
N LYS D 71 -13.50 10.04 -1.29
CA LYS D 71 -13.04 8.66 -1.05
C LYS D 71 -11.86 8.27 -1.95
N PHE D 72 -11.70 8.91 -3.11
CA PHE D 72 -10.63 8.52 -4.03
C PHE D 72 -9.26 8.99 -3.57
N VAL D 73 -9.20 9.97 -2.66
CA VAL D 73 -7.93 10.56 -2.28
C VAL D 73 -6.94 9.50 -1.79
N PRO D 74 -7.26 8.64 -0.79
CA PRO D 74 -6.25 7.66 -0.35
C PRO D 74 -5.86 6.66 -1.43
N TYR D 75 -6.74 6.34 -2.38
CA TYR D 75 -6.36 5.38 -3.41
C TYR D 75 -5.25 5.95 -4.29
N ALA D 76 -5.42 7.19 -4.72
CA ALA D 76 -4.40 7.81 -5.56
C ALA D 76 -3.07 7.94 -4.81
N GLU D 77 -3.11 8.35 -3.54
CA GLU D 77 -1.87 8.50 -2.80
C GLU D 77 -1.19 7.15 -2.53
N ASN D 78 -1.96 6.12 -2.16
CA ASN D 78 -1.33 4.83 -1.92
C ASN D 78 -0.66 4.30 -3.19
N LEU D 79 -1.36 4.40 -4.32
CA LEU D 79 -0.80 3.89 -5.58
C LEU D 79 0.44 4.67 -5.97
N LEU D 80 0.33 6.00 -5.94
CA LEU D 80 1.49 6.85 -6.18
C LEU D 80 2.64 6.43 -5.29
N ASN D 81 2.39 6.34 -3.98
CA ASN D 81 3.44 5.96 -3.04
C ASN D 81 3.96 4.55 -3.32
N GLN D 82 3.06 3.61 -3.60
CA GLN D 82 3.51 2.26 -3.86
C GLN D 82 4.31 2.16 -5.15
N VAL D 83 4.04 3.05 -6.12
CA VAL D 83 4.83 3.00 -7.35
C VAL D 83 6.21 3.59 -7.11
N LYS D 84 6.27 4.75 -6.45
CA LYS D 84 7.55 5.35 -6.09
C LYS D 84 8.38 4.41 -5.20
N VAL D 85 7.73 3.79 -4.22
CA VAL D 85 8.43 2.85 -3.36
C VAL D 85 8.98 1.68 -4.18
N THR D 86 8.27 1.27 -5.25
CA THR D 86 8.78 0.18 -6.08
C THR D 86 10.06 0.58 -6.77
N LYS D 87 10.11 1.83 -7.23
CA LYS D 87 11.28 2.33 -7.92
C LYS D 87 12.47 2.46 -6.97
N GLU D 88 12.26 3.01 -5.76
CA GLU D 88 13.38 3.27 -4.85
C GLU D 88 13.94 1.97 -4.30
N ASP D 89 13.06 1.00 -3.97
CA ASP D 89 13.56 -0.30 -3.50
C ASP D 89 14.47 -0.97 -4.53
N PHE D 90 14.37 -0.68 -5.83
CA PHE D 90 15.27 -1.37 -6.74
C PHE D 90 16.33 -0.48 -7.36
N ALA D 91 16.37 0.81 -7.02
CA ALA D 91 17.35 1.73 -7.58
C ALA D 91 18.78 1.23 -7.37
N GLN D 92 19.62 1.42 -8.39
CA GLN D 92 20.99 0.97 -8.34
C GLN D 92 21.95 2.14 -8.07
N ALA D 93 23.14 1.79 -7.59
CA ALA D 93 24.22 2.77 -7.45
C ALA D 93 24.53 3.42 -8.79
N SER D 94 24.80 4.71 -8.76
CA SER D 94 25.05 5.50 -9.96
C SER D 94 26.34 6.31 -9.81
N LEU D 95 27.04 6.50 -10.94
CA LEU D 95 28.21 7.37 -11.06
C LEU D 95 27.98 8.31 -12.23
N LYS D 96 27.82 9.60 -11.97
CA LYS D 96 27.51 10.52 -13.06
C LYS D 96 28.68 10.65 -14.03
N THR D 97 29.78 11.25 -13.60
CA THR D 97 30.98 11.34 -14.41
C THR D 97 32.12 10.62 -13.71
N ASP D 98 33.12 10.23 -14.51
CA ASP D 98 34.20 9.47 -13.91
C ASP D 98 35.18 10.36 -13.15
N HIS D 99 34.95 11.67 -13.08
CA HIS D 99 35.70 12.55 -12.18
C HIS D 99 34.84 13.06 -11.03
N THR D 100 33.71 12.40 -10.75
CA THR D 100 32.89 12.74 -9.59
C THR D 100 33.34 11.91 -8.41
N VAL D 101 33.64 12.58 -7.30
CA VAL D 101 33.93 11.95 -6.03
C VAL D 101 32.67 12.02 -5.18
N ARG D 102 32.17 10.85 -4.77
CA ARG D 102 30.93 10.74 -4.00
C ARG D 102 31.29 10.69 -2.51
N ILE D 103 30.74 11.63 -1.74
CA ILE D 103 31.11 11.80 -0.35
C ILE D 103 29.84 11.76 0.50
N VAL D 104 29.86 10.96 1.56
CA VAL D 104 28.77 10.86 2.51
C VAL D 104 29.31 11.22 3.89
N CYS D 105 28.48 11.87 4.70
CA CYS D 105 28.86 12.26 6.06
C CYS D 105 27.63 12.78 6.78
N LEU D 106 27.83 13.11 8.05
CA LEU D 106 26.78 13.73 8.83
C LEU D 106 26.58 15.16 8.37
N HIS D 107 25.39 15.70 8.68
CA HIS D 107 25.03 17.05 8.26
C HIS D 107 26.02 18.09 8.74
N THR D 108 26.45 17.99 10.01
CA THR D 108 27.32 19.01 10.58
C THR D 108 28.64 19.07 9.83
N LEU D 109 29.26 17.91 9.62
CA LEU D 109 30.56 17.87 8.96
C LEU D 109 30.46 18.43 7.55
N ALA D 110 29.29 18.33 6.92
CA ALA D 110 29.15 18.75 5.54
C ALA D 110 29.26 20.26 5.35
N VAL D 111 29.11 21.08 6.41
CA VAL D 111 29.12 22.53 6.23
C VAL D 111 30.37 23.18 6.79
N ASN D 112 30.97 22.64 7.85
CA ASN D 112 32.10 23.29 8.50
C ASN D 112 33.39 22.48 8.39
N LEU D 113 33.33 21.26 7.85
CA LEU D 113 34.56 20.51 7.59
C LEU D 113 34.84 20.40 6.10
N LEU D 114 33.94 19.79 5.32
CA LEU D 114 34.26 19.53 3.92
C LEU D 114 34.60 20.79 3.12
N PRO D 115 33.78 21.85 3.13
CA PRO D 115 34.14 23.01 2.31
C PRO D 115 35.50 23.61 2.65
N LYS D 116 35.81 23.72 3.95
CA LYS D 116 37.15 24.15 4.34
C LYS D 116 38.20 23.23 3.76
N LEU D 117 38.02 21.91 3.94
CA LEU D 117 38.93 20.94 3.34
C LEU D 117 39.04 21.16 1.83
N PHE D 118 37.89 21.25 1.16
CA PHE D 118 37.89 21.39 -0.30
C PHE D 118 38.60 22.67 -0.73
N LEU D 119 38.30 23.78 -0.07
CA LEU D 119 38.90 25.05 -0.46
C LEU D 119 40.40 25.05 -0.21
N GLN D 120 40.84 24.44 0.89
CA GLN D 120 42.27 24.46 1.20
C GLN D 120 43.09 23.68 0.18
N SER D 121 42.47 22.94 -0.72
CA SER D 121 43.16 22.16 -1.74
C SER D 121 42.57 22.45 -3.09
N ALA D 122 42.17 23.70 -3.31
CA ALA D 122 41.43 24.08 -4.49
C ALA D 122 42.14 23.66 -5.77
N GLU D 123 43.31 24.26 -6.04
CA GLU D 123 43.99 23.99 -7.31
C GLU D 123 44.32 22.51 -7.46
N ALA D 124 44.55 21.80 -6.36
CA ALA D 124 44.75 20.36 -6.45
C ALA D 124 43.45 19.65 -6.81
N LEU D 125 42.33 20.03 -6.19
CA LEU D 125 41.04 19.37 -6.39
C LEU D 125 40.13 20.08 -7.38
N SER D 126 40.55 21.23 -7.92
CA SER D 126 39.65 22.03 -8.76
C SER D 126 39.08 21.23 -9.91
N HIS D 127 39.86 20.28 -10.43
CA HIS D 127 39.48 19.50 -11.62
C HIS D 127 38.51 18.37 -11.30
N LEU D 128 38.26 18.06 -10.04
CA LEU D 128 37.29 17.04 -9.66
C LEU D 128 35.92 17.66 -9.47
N ASN D 129 34.90 16.80 -9.50
CA ASN D 129 33.54 17.22 -9.21
C ASN D 129 33.10 16.55 -7.92
N LEU D 130 32.85 17.34 -6.88
CA LEU D 130 32.57 16.83 -5.54
C LEU D 130 31.07 16.77 -5.30
N SER D 131 30.57 15.60 -4.93
CA SER D 131 29.16 15.41 -4.62
C SER D 131 29.04 14.96 -3.16
N VAL D 132 28.48 15.82 -2.33
CA VAL D 132 28.43 15.64 -0.88
C VAL D 132 26.98 15.43 -0.47
N THR D 133 26.61 14.21 -0.08
CA THR D 133 25.26 13.97 0.40
C THR D 133 25.29 13.69 1.90
N PRO D 134 24.90 14.65 2.74
CA PRO D 134 24.82 14.38 4.17
C PRO D 134 23.76 13.32 4.41
N SER D 135 23.97 12.53 5.47
CA SER D 135 23.11 11.37 5.69
C SER D 135 23.01 11.09 7.18
N VAL D 136 21.79 10.76 7.63
CA VAL D 136 21.59 10.30 9.00
C VAL D 136 21.47 8.78 9.07
N LEU D 137 21.67 8.08 7.96
CA LEU D 137 21.77 6.63 8.05
C LEU D 137 22.97 6.27 8.93
N GLY D 138 23.02 5.04 9.36
CA GLY D 138 24.06 4.71 10.32
C GLY D 138 25.45 4.59 9.68
N ILE D 139 26.45 4.51 10.55
CA ILE D 139 27.78 4.13 10.10
C ILE D 139 27.74 2.75 9.43
N ASP D 140 26.88 1.85 9.94
CA ASP D 140 26.73 0.53 9.30
C ASP D 140 26.20 0.68 7.88
N ALA D 141 25.23 1.59 7.67
CA ALA D 141 24.75 1.81 6.31
C ALA D 141 25.85 2.36 5.41
N HIS D 142 26.68 3.28 5.93
CA HIS D 142 27.70 3.94 5.11
C HIS D 142 28.88 3.02 4.83
N PHE D 143 29.28 2.21 5.81
CA PHE D 143 30.26 1.17 5.50
C PHE D 143 29.75 0.30 4.36
N GLN D 144 28.47 -0.09 4.42
CA GLN D 144 27.89 -0.92 3.37
C GLN D 144 27.94 -0.21 2.02
N MET D 145 27.71 1.11 2.01
CA MET D 145 27.79 1.84 0.75
C MET D 145 29.22 1.87 0.23
N LEU D 146 30.21 2.00 1.12
CA LEU D 146 31.59 1.92 0.66
C LEU D 146 31.85 0.59 -0.05
N GLU D 147 31.44 -0.52 0.59
CA GLU D 147 31.62 -1.84 -0.01
C GLU D 147 30.94 -1.93 -1.38
N ASP D 148 29.69 -1.45 -1.48
CA ASP D 148 28.97 -1.47 -2.74
C ASP D 148 29.50 -0.47 -3.79
N HIS D 149 30.52 0.31 -3.47
CA HIS D 149 30.98 1.39 -4.36
C HIS D 149 29.87 2.34 -4.77
N SER D 150 28.76 2.36 -4.03
CA SER D 150 27.72 3.37 -4.28
C SER D 150 28.13 4.74 -3.78
N THR D 151 29.18 4.81 -2.95
CA THR D 151 29.79 6.07 -2.54
C THR D 151 31.28 5.83 -2.41
N ASP D 152 32.06 6.91 -2.43
CA ASP D 152 33.51 6.83 -2.49
C ASP D 152 34.21 7.13 -1.17
N LEU D 153 33.73 8.12 -0.41
CA LEU D 153 34.37 8.49 0.84
C LEU D 153 33.32 8.73 1.91
N LEU D 154 33.70 8.44 3.14
CA LEU D 154 32.86 8.70 4.29
C LEU D 154 33.68 9.45 5.32
N PHE D 155 33.19 10.61 5.75
CA PHE D 155 33.82 11.37 6.83
C PHE D 155 32.98 11.19 8.08
N THR D 156 33.63 10.93 9.21
CA THR D 156 32.88 10.64 10.43
C THR D 156 33.77 10.87 11.65
N TYR D 157 33.12 11.06 12.79
CA TYR D 157 33.78 11.05 14.10
C TYR D 157 34.04 9.60 14.52
N ASN D 158 35.14 9.39 15.25
CA ASN D 158 35.60 8.03 15.56
C ASN D 158 34.52 7.25 16.29
N ILE D 159 34.54 5.93 16.12
CA ILE D 159 33.45 5.07 16.58
C ILE D 159 33.96 4.21 17.73
N SER D 160 33.37 4.38 18.90
CA SER D 160 33.55 3.47 20.02
C SER D 160 32.50 2.37 19.91
N ALA D 161 32.95 1.12 19.73
CA ALA D 161 32.03 0.04 19.46
C ALA D 161 31.27 -0.35 20.72
N MET D 162 29.94 -0.47 20.61
CA MET D 162 29.13 -0.82 21.77
C MET D 162 29.38 -2.27 22.20
N ARG D 163 29.92 -3.09 21.31
CA ARG D 163 30.05 -4.53 21.53
C ARG D 163 30.99 -5.08 20.49
N PRO D 164 31.66 -6.21 20.77
CA PRO D 164 32.68 -6.69 19.84
C PRO D 164 32.11 -6.85 18.43
N SER D 165 32.92 -6.50 17.44
CA SER D 165 32.45 -6.42 16.06
C SER D 165 33.50 -6.98 15.12
N LEU D 166 33.03 -7.43 13.97
CA LEU D 166 33.91 -7.99 12.95
C LEU D 166 34.90 -6.94 12.46
N SER D 167 36.14 -7.37 12.20
CA SER D 167 37.18 -6.43 11.77
C SER D 167 36.92 -5.94 10.34
N LEU D 168 37.63 -4.86 9.95
CA LEU D 168 37.26 -4.12 8.75
C LEU D 168 38.35 -3.93 7.69
N GLU D 169 39.63 -4.16 7.99
CA GLU D 169 40.63 -3.66 7.03
C GLU D 169 40.85 -4.58 5.83
N ASP D 170 40.16 -5.71 5.75
CA ASP D 170 40.02 -6.42 4.49
C ASP D 170 39.06 -5.72 3.52
N LYS D 171 38.35 -4.68 3.99
CA LYS D 171 37.26 -4.09 3.23
C LYS D 171 37.42 -2.57 3.13
N LEU D 172 37.70 -1.92 4.26
CA LEU D 172 37.79 -0.47 4.34
C LEU D 172 39.17 -0.04 4.80
N GLU D 173 39.60 1.12 4.31
CA GLU D 173 40.75 1.81 4.86
C GLU D 173 40.30 3.10 5.54
N LYS D 174 41.01 3.46 6.61
CA LYS D 174 40.66 4.63 7.40
C LYS D 174 41.88 5.46 7.66
N CYS D 175 41.69 6.77 7.65
CA CYS D 175 42.75 7.72 7.93
C CYS D 175 42.18 8.83 8.80
N VAL D 176 43.08 9.56 9.46
CA VAL D 176 42.74 10.60 10.41
C VAL D 176 42.81 11.92 9.68
N ILE D 177 41.67 12.61 9.58
CA ILE D 177 41.63 13.91 8.92
C ILE D 177 42.12 14.99 9.87
N HIS D 178 41.67 14.92 11.12
CA HIS D 178 41.80 16.03 12.06
C HIS D 178 41.65 15.49 13.47
N SER D 179 42.52 15.94 14.35
CA SER D 179 42.40 15.72 15.80
C SER D 179 42.27 17.08 16.46
N GLU D 180 41.35 17.19 17.41
CA GLU D 180 41.04 18.47 18.02
C GLU D 180 40.31 18.19 19.33
N LYS D 181 39.80 19.25 19.95
CA LYS D 181 39.06 19.12 21.19
C LYS D 181 37.65 19.66 21.00
N VAL D 182 36.75 19.16 21.82
CA VAL D 182 35.41 19.71 21.96
C VAL D 182 35.44 20.62 23.18
N VAL D 183 35.23 21.93 22.98
CA VAL D 183 35.50 22.90 24.04
C VAL D 183 34.24 23.62 24.47
N PRO D 184 34.12 24.03 25.73
CA PRO D 184 32.97 24.83 26.15
C PRO D 184 33.19 26.29 25.74
N VAL D 185 32.19 26.88 25.08
CA VAL D 185 32.25 28.26 24.64
C VAL D 185 31.07 29.04 25.18
N VAL D 186 31.24 30.37 25.23
CA VAL D 186 30.25 31.27 25.80
C VAL D 186 30.44 32.64 25.18
N ALA D 187 29.35 33.41 25.12
CA ALA D 187 29.45 34.77 24.64
C ALA D 187 30.26 35.60 25.65
N PRO D 188 31.06 36.56 25.19
CA PRO D 188 31.93 37.29 26.12
C PRO D 188 31.19 37.96 27.25
N ARG D 189 29.98 38.49 27.00
CA ARG D 189 29.30 39.22 28.06
C ARG D 189 28.98 38.33 29.25
N LEU D 190 28.68 37.04 29.00
CA LEU D 190 28.31 36.07 30.01
C LEU D 190 29.49 35.48 30.77
N LEU D 191 30.73 35.81 30.40
CA LEU D 191 31.87 35.08 30.93
C LEU D 191 32.02 35.25 32.44
N GLU D 192 31.72 36.43 32.98
CA GLU D 192 31.91 36.65 34.41
C GLU D 192 30.80 36.03 35.24
N SER D 193 29.64 35.75 34.66
CA SER D 193 28.59 35.07 35.41
C SER D 193 28.91 33.60 35.68
N LEU D 194 29.95 33.04 35.08
CA LEU D 194 30.26 31.62 35.20
C LEU D 194 30.97 31.28 36.51
N GLN D 198 27.78 28.55 39.73
CA GLN D 198 26.33 28.74 39.76
C GLN D 198 25.59 27.74 38.86
N THR D 199 24.32 28.05 38.58
CA THR D 199 23.50 27.27 37.66
C THR D 199 23.57 27.93 36.28
N ILE D 200 24.09 27.19 35.31
CA ILE D 200 24.48 27.73 34.01
C ILE D 200 23.54 27.16 32.95
N PRO D 201 22.93 28.00 32.12
CA PRO D 201 22.15 27.47 31.01
C PRO D 201 23.04 26.69 30.06
N TYR D 202 22.56 25.54 29.63
CA TYR D 202 23.37 24.57 28.90
C TYR D 202 22.73 24.31 27.56
N LEU D 203 23.49 24.52 26.47
CA LEU D 203 23.03 24.28 25.10
C LEU D 203 23.64 22.95 24.65
N SER D 204 22.80 21.92 24.53
CA SER D 204 23.27 20.54 24.51
C SER D 204 22.93 19.84 23.19
N TYR D 205 23.55 18.68 22.99
CA TYR D 205 23.26 17.85 21.82
C TYR D 205 22.16 16.85 22.13
N SER D 206 21.39 16.51 21.10
CA SER D 206 20.42 15.44 21.22
C SER D 206 21.10 14.13 21.60
N GLU D 207 20.38 13.28 22.33
CA GLU D 207 21.06 12.14 22.93
C GLU D 207 21.51 11.12 21.90
N HIS D 208 21.04 11.22 20.66
CA HIS D 208 21.32 10.22 19.64
C HIS D 208 22.31 10.71 18.60
N THR D 209 23.26 11.53 19.02
CA THR D 209 24.34 12.01 18.18
C THR D 209 25.65 11.47 18.72
N PHE D 210 26.67 11.44 17.87
CA PHE D 210 27.98 11.09 18.39
C PHE D 210 28.42 12.05 19.49
N LEU D 211 28.20 13.36 19.29
CA LEU D 211 28.82 14.33 20.21
C LEU D 211 28.20 14.25 21.59
N SER D 212 26.93 13.89 21.68
CA SER D 212 26.32 13.68 22.99
C SER D 212 27.01 12.54 23.74
N LYS D 213 27.26 11.44 23.03
CA LYS D 213 27.88 10.28 23.63
C LYS D 213 29.33 10.54 24.00
N VAL D 214 29.92 11.63 23.51
CA VAL D 214 31.29 12.00 23.82
C VAL D 214 31.29 13.07 24.92
N VAL D 215 30.30 13.96 24.88
CA VAL D 215 30.28 15.10 25.78
C VAL D 215 29.68 14.73 27.13
N GLU D 216 28.55 14.03 27.13
CA GLU D 216 27.85 13.84 28.39
C GLU D 216 28.59 12.96 29.39
N PRO D 217 29.32 11.94 28.95
CA PRO D 217 30.18 11.22 29.92
C PRO D 217 31.12 12.16 30.67
N VAL D 218 31.83 13.03 29.96
CA VAL D 218 32.72 13.97 30.65
C VAL D 218 31.92 14.99 31.47
N LEU D 219 30.73 15.38 31.00
CA LEU D 219 30.00 16.43 31.69
C LEU D 219 29.50 15.99 33.06
N LYS D 220 29.23 14.70 33.25
CA LYS D 220 28.80 14.23 34.57
C LYS D 220 29.93 14.31 35.60
N THR D 221 31.19 14.28 35.16
CA THR D 221 32.37 14.31 36.02
C THR D 221 32.73 15.74 36.43
N LEU D 222 31.76 16.63 36.51
CA LEU D 222 32.15 18.03 36.57
C LEU D 222 31.39 18.77 37.67
N PRO D 223 32.08 19.69 38.37
CA PRO D 223 31.43 20.46 39.44
C PRO D 223 30.54 21.59 38.93
N LEU D 224 29.87 21.37 37.80
CA LEU D 224 28.95 22.35 37.25
C LEU D 224 27.52 21.95 37.54
N THR D 225 26.63 22.94 37.48
CA THR D 225 25.19 22.70 37.52
C THR D 225 24.64 23.24 36.20
N LEU D 226 24.58 22.37 35.21
CA LEU D 226 24.16 22.73 33.87
C LEU D 226 22.67 22.47 33.70
N LYS D 227 21.89 23.52 33.47
CA LYS D 227 20.46 23.38 33.23
C LYS D 227 20.19 23.39 31.73
N PRO D 228 19.82 22.26 31.13
CA PRO D 228 19.50 22.24 29.69
C PRO D 228 18.39 23.18 29.28
N VAL D 229 18.72 24.22 28.52
CA VAL D 229 17.74 25.15 27.98
C VAL D 229 17.47 24.95 26.50
N PHE D 230 18.25 24.12 25.81
CA PHE D 230 18.11 24.04 24.37
C PHE D 230 18.88 22.81 23.87
N GLU D 231 18.33 22.14 22.85
CA GLU D 231 18.75 20.82 22.39
C GLU D 231 18.80 20.81 20.88
N THR D 232 19.82 20.17 20.28
CA THR D 232 19.85 20.11 18.81
C THR D 232 20.82 19.03 18.36
N THR D 233 20.71 18.64 17.09
CA THR D 233 21.70 17.77 16.49
C THR D 233 22.79 18.57 15.79
N LEU D 234 22.64 19.88 15.67
CA LEU D 234 23.44 20.69 14.74
C LEU D 234 24.38 21.59 15.54
N SER D 235 25.68 21.25 15.48
CA SER D 235 26.70 22.09 16.10
C SER D 235 26.50 23.55 15.75
N GLU D 236 26.21 23.82 14.49
CA GLU D 236 26.10 25.19 14.01
C GLU D 236 24.96 25.95 14.67
N SER D 237 23.95 25.24 15.17
CA SER D 237 22.86 25.90 15.90
C SER D 237 23.29 26.24 17.30
N LEU D 238 23.98 25.31 17.98
CA LEU D 238 24.55 25.63 19.28
C LEU D 238 25.36 26.92 19.19
N VAL D 239 26.17 27.04 18.13
CA VAL D 239 27.06 28.19 17.99
C VAL D 239 26.24 29.48 17.89
N LYS D 240 25.19 29.51 17.05
CA LYS D 240 24.34 30.70 16.98
C LYS D 240 23.79 31.03 18.35
N MET D 241 23.20 30.04 19.03
CA MET D 241 22.64 30.24 20.36
C MET D 241 23.70 30.77 21.31
N ALA D 242 24.91 30.21 21.26
CA ALA D 242 25.92 30.64 22.21
C ALA D 242 26.34 32.09 21.96
N ILE D 243 26.43 32.48 20.69
CA ILE D 243 26.82 33.85 20.37
C ILE D 243 25.85 34.83 21.00
N GLY D 244 24.56 34.51 20.96
CA GLY D 244 23.52 35.31 21.55
C GLY D 244 23.42 35.20 23.05
N GLY D 245 24.36 34.54 23.71
CA GLY D 245 24.38 34.51 25.16
C GLY D 245 23.34 33.62 25.81
N ALA D 246 22.77 32.66 25.08
CA ALA D 246 21.76 31.80 25.67
C ALA D 246 22.34 30.76 26.63
N GLY D 247 23.65 30.67 26.76
CA GLY D 247 24.24 29.71 27.65
C GLY D 247 25.54 29.19 27.08
N VAL D 248 26.06 28.14 27.73
CA VAL D 248 27.34 27.55 27.38
C VAL D 248 27.09 26.29 26.55
N ALA D 249 27.87 26.14 25.49
CA ALA D 249 27.83 24.99 24.59
C ALA D 249 29.22 24.36 24.52
N TRP D 250 29.25 23.02 24.47
CA TRP D 250 30.47 22.27 24.14
C TRP D 250 30.43 21.97 22.64
N VAL D 251 31.42 22.48 21.92
CA VAL D 251 31.45 22.38 20.46
C VAL D 251 32.86 22.09 20.00
N PRO D 252 32.98 21.39 18.88
CA PRO D 252 34.30 21.11 18.31
C PRO D 252 35.00 22.40 17.90
N MET D 253 36.32 22.43 18.11
CA MET D 253 37.07 23.62 17.72
C MET D 253 36.83 24.00 16.26
N HIS D 254 36.74 23.01 15.36
CA HIS D 254 36.73 23.38 13.94
C HIS D 254 35.47 24.12 13.53
N VAL D 255 34.43 24.10 14.37
CA VAL D 255 33.19 24.80 14.04
C VAL D 255 33.23 26.28 14.44
N ILE D 256 34.19 26.70 15.27
CA ILE D 256 34.18 28.04 15.84
C ILE D 256 35.44 28.83 15.48
N GLU D 257 36.20 28.38 14.49
CA GLU D 257 37.47 29.04 14.17
C GLU D 257 37.27 30.53 13.92
N GLU D 258 36.23 30.87 13.14
CA GLU D 258 35.95 32.26 12.80
C GLU D 258 35.33 33.03 13.96
N GLU D 259 34.43 32.40 14.73
CA GLU D 259 33.87 33.09 15.90
C GLU D 259 34.96 33.44 16.91
N LEU D 260 35.91 32.54 17.14
CA LEU D 260 36.99 32.85 18.09
C LEU D 260 37.87 33.97 17.57
N ALA D 261 38.08 34.02 16.26
CA ALA D 261 38.88 35.09 15.69
C ALA D 261 38.14 36.42 15.73
N GLN D 262 36.82 36.40 15.58
CA GLN D 262 36.05 37.63 15.66
C GLN D 262 35.73 38.05 17.09
N HIS D 263 36.16 37.27 18.09
CA HIS D 263 35.90 37.57 19.50
C HIS D 263 34.42 37.60 19.83
N ARG D 264 33.62 36.86 19.06
CA ARG D 264 32.21 36.71 19.38
C ARG D 264 31.94 35.51 20.28
N LEU D 265 32.96 34.69 20.55
CA LEU D 265 32.85 33.60 21.50
C LEU D 265 34.19 33.47 22.18
N VAL D 266 34.16 33.06 23.44
CA VAL D 266 35.37 32.79 24.20
C VAL D 266 35.27 31.39 24.77
N ILE D 267 36.40 30.67 24.79
CA ILE D 267 36.46 29.41 25.51
C ILE D 267 36.27 29.68 27.00
N ALA D 268 35.40 28.91 27.63
CA ALA D 268 35.15 29.04 29.06
C ALA D 268 36.00 28.04 29.83
N PHE D 269 36.39 28.42 31.04
CA PHE D 269 37.20 27.56 31.91
C PHE D 269 38.53 27.18 31.26
N GLU D 270 39.08 28.12 30.50
CA GLU D 270 40.41 28.09 29.91
C GLU D 270 41.39 27.36 30.80
N GLU D 271 41.31 27.60 32.10
CA GLU D 271 42.25 27.01 33.05
C GLU D 271 42.18 25.49 33.02
N GLN D 272 40.98 24.92 32.85
CA GLN D 272 40.75 23.48 33.02
C GLN D 272 40.76 22.77 31.66
N LYS D 273 41.97 22.45 31.19
CA LYS D 273 42.14 21.84 29.87
C LYS D 273 41.52 20.45 29.81
N GLU D 274 41.42 19.75 30.93
CA GLU D 274 40.83 18.42 30.96
C GLU D 274 39.31 18.45 30.93
N TRP D 275 38.69 19.62 30.80
CA TRP D 275 37.28 19.76 30.48
C TRP D 275 37.05 19.88 28.99
N GLN D 276 38.11 19.87 28.20
CA GLN D 276 38.05 19.86 26.75
C GLN D 276 38.24 18.42 26.28
N ILE D 277 37.27 17.92 25.51
CA ILE D 277 37.17 16.50 25.21
C ILE D 277 37.84 16.25 23.87
N PRO D 278 38.85 15.35 23.80
CA PRO D 278 39.52 15.08 22.53
C PRO D 278 38.63 14.28 21.59
N ILE D 279 38.82 14.51 20.29
CA ILE D 279 37.96 13.94 19.27
C ILE D 279 38.74 13.87 17.96
N ASP D 280 38.48 12.82 17.19
CA ASP D 280 39.15 12.59 15.91
C ASP D 280 38.10 12.54 14.80
N ILE D 281 38.46 13.08 13.64
CA ILE D 281 37.59 13.03 12.48
C ILE D 281 38.27 12.14 11.44
N LEU D 282 37.58 11.09 11.04
CA LEU D 282 38.15 10.05 10.20
C LEU D 282 37.58 10.14 8.80
N CYS D 283 38.38 9.73 7.83
CA CYS D 283 37.91 9.50 6.47
C CYS D 283 38.13 8.03 6.14
N TYR D 284 37.05 7.36 5.73
CA TYR D 284 37.04 5.96 5.34
C TYR D 284 36.89 5.80 3.84
N ARG D 285 37.50 4.74 3.30
CA ARG D 285 37.35 4.42 1.89
C ARG D 285 37.34 2.90 1.70
N SER D 286 36.94 2.47 0.51
CA SER D 286 36.94 1.06 0.15
C SER D 286 38.30 0.63 -0.35
N THR D 287 38.73 -0.56 0.10
CA THR D 287 40.01 -1.10 -0.38
C THR D 287 39.93 -1.55 -1.83
N THR D 288 38.76 -2.01 -2.28
CA THR D 288 38.52 -2.46 -3.65
C THR D 288 38.10 -1.35 -4.62
N ASN D 289 38.28 -0.08 -4.27
CA ASN D 289 37.85 1.03 -5.11
C ASN D 289 39.09 1.80 -5.54
N HIS D 290 39.46 1.68 -6.81
CA HIS D 290 40.62 2.36 -7.36
C HIS D 290 40.16 3.25 -8.52
N ARG D 291 39.53 4.37 -8.17
CA ARG D 291 39.26 5.42 -9.14
C ARG D 291 40.28 6.52 -8.93
N ALA D 292 40.84 7.02 -10.02
CA ALA D 292 41.89 8.03 -9.89
C ALA D 292 41.36 9.32 -9.28
N ALA D 293 40.09 9.65 -9.52
CA ALA D 293 39.52 10.81 -8.86
C ALA D 293 39.50 10.61 -7.34
N VAL D 294 39.14 9.42 -6.89
CA VAL D 294 39.13 9.16 -5.46
C VAL D 294 40.54 9.18 -4.89
N ASP D 295 41.50 8.57 -5.59
CA ASP D 295 42.87 8.61 -5.11
C ASP D 295 43.42 10.03 -5.07
N GLN D 296 43.22 10.80 -6.15
CA GLN D 296 43.70 12.18 -6.12
C GLN D 296 43.15 12.92 -4.91
N PHE D 297 41.88 12.70 -4.59
CA PHE D 297 41.30 13.30 -3.40
C PHE D 297 41.96 12.77 -2.13
N TRP D 298 42.06 11.44 -2.02
CA TRP D 298 42.59 10.83 -0.80
C TRP D 298 44.03 11.23 -0.56
N GLN D 299 44.87 11.19 -1.60
CA GLN D 299 46.28 11.53 -1.45
C GLN D 299 46.48 12.98 -1.06
N GLU D 300 45.45 13.82 -1.20
CA GLU D 300 45.60 15.22 -0.83
C GLU D 300 45.31 15.47 0.65
N ILE D 301 44.48 14.66 1.29
CA ILE D 301 44.18 14.81 2.72
C ILE D 301 44.99 13.74 3.47
N ASP D 302 46.25 14.07 3.78
CA ASP D 302 47.10 13.20 4.60
C ASP D 302 48.33 13.95 5.10
BR BR E . -10.72 -20.04 -7.95
BR BR F . -16.78 -18.75 -14.28
BR BR G . 6.76 5.99 -12.79
BR BR H . -14.42 -17.30 4.94
BR BR I . 19.13 23.70 3.62
BR BR J . 13.52 15.79 4.38
BR BR K . -0.07 -12.34 10.27
BR BR L . 27.16 14.61 16.00
BR BR M . 27.12 10.87 -8.81
#